data_6CGY
#
_entry.id   6CGY
#
_cell.length_a   111.720
_cell.length_b   114.740
_cell.length_c   79.970
_cell.angle_alpha   90.00
_cell.angle_beta   109.78
_cell.angle_gamma   90.00
#
_symmetry.space_group_name_H-M   'C 1 2 1'
#
loop_
_entity.id
_entity.type
_entity.pdbx_description
1 polymer Beta-lactamase
2 non-polymer GLYCEROL
3 non-polymer 'COBALT (II) ION'
4 non-polymer 1,2-ETHANEDIOL
5 non-polymer 'PHOSPHATE ION'
6 water water
#
_entity_poly.entity_id   1
_entity_poly.type   'polypeptide(L)'
_entity_poly.pdbx_seq_one_letter_code
;MTNIAKAQPKLYVMDNGRMRMDKNWMIAMHNPATIANPNAPTEFIEFPIYTVLIDHPEGKILFDTSCNPDSMGAQGRWGE
ATQSMFPWTASEECYLHNRLEQLKVRPEDIKFVIASHLHLDHAGCLEMFTNATIIVHEDEFSGALQTYARNQTEGAYIWG
DIDAWIKNNLNWRTIKRDEDNIVLAEGIKILNFGSGHAWGMLGLHVQLPEKGGIILASDAVYSAESYGPPIKPPGIIYDS
LGFVRSVEKIKRIAKETNSEVWFGHDSEQFKRFRKSTEGYYE
;
_entity_poly.pdbx_strand_id   A,H,L
#
loop_
_chem_comp.id
_chem_comp.type
_chem_comp.name
_chem_comp.formula
CO non-polymer 'COBALT (II) ION' 'Co 2'
EDO non-polymer 1,2-ETHANEDIOL 'C2 H6 O2'
GOL non-polymer GLYCEROL 'C3 H8 O3'
PO4 non-polymer 'PHOSPHATE ION' 'O4 P -3'
#
# COMPACT_ATOMS: atom_id res chain seq x y z
N ALA A 7 8.63 -12.92 -17.86
CA ALA A 7 8.85 -13.82 -16.68
C ALA A 7 10.31 -14.23 -16.60
N GLN A 8 10.87 -14.25 -15.40
CA GLN A 8 12.29 -14.56 -15.19
C GLN A 8 12.42 -15.70 -14.19
N PRO A 9 13.51 -16.47 -14.27
CA PRO A 9 13.65 -17.57 -13.30
C PRO A 9 14.04 -17.12 -11.89
N LYS A 10 13.55 -17.84 -10.90
CA LYS A 10 13.98 -17.66 -9.53
C LYS A 10 14.45 -19.04 -9.04
N LEU A 11 15.65 -19.08 -8.46
CA LEU A 11 16.22 -20.33 -7.94
C LEU A 11 16.22 -20.32 -6.40
N TYR A 12 15.72 -21.40 -5.80
CA TYR A 12 15.57 -21.53 -4.36
C TYR A 12 16.43 -22.67 -3.83
N VAL A 13 17.10 -22.43 -2.72
CA VAL A 13 17.83 -23.46 -1.99
C VAL A 13 16.98 -23.86 -0.80
N MET A 14 16.58 -25.13 -0.75
CA MET A 14 15.73 -25.62 0.32
C MET A 14 16.51 -26.48 1.28
N ASP A 15 16.45 -26.09 2.55
CA ASP A 15 17.13 -26.78 3.63
C ASP A 15 16.33 -27.99 4.11
N ASN A 16 16.86 -29.19 3.86
CA ASN A 16 16.17 -30.41 4.23
C ASN A 16 16.85 -31.18 5.37
N GLY A 17 17.47 -30.46 6.30
CA GLY A 17 18.01 -31.12 7.49
C GLY A 17 19.48 -31.46 7.41
N ARG A 18 19.92 -32.23 8.38
CA ARG A 18 21.32 -32.50 8.58
C ARG A 18 21.52 -34.00 8.73
N MET A 19 22.66 -34.47 8.25
CA MET A 19 23.06 -35.86 8.43
C MET A 19 24.42 -35.86 9.13
N ARG A 20 24.68 -36.92 9.88
CA ARG A 20 25.99 -37.12 10.47
C ARG A 20 26.55 -38.44 9.98
N MET A 21 27.88 -38.50 9.91
CA MET A 21 28.53 -39.76 9.58
C MET A 21 30.02 -39.67 9.85
N ASP A 22 30.66 -40.83 9.89
CA ASP A 22 32.12 -40.93 9.97
C ASP A 22 32.79 -40.03 8.92
N LYS A 23 33.69 -39.16 9.36
CA LYS A 23 34.39 -38.28 8.43
C LYS A 23 35.14 -39.03 7.32
N ASN A 24 35.56 -40.27 7.59
CA ASN A 24 36.24 -41.08 6.57
C ASN A 24 35.35 -41.40 5.35
N TRP A 25 34.04 -41.42 5.54
CA TRP A 25 33.14 -41.59 4.41
C TRP A 25 33.27 -40.37 3.49
N MET A 26 33.46 -39.18 4.06
CA MET A 26 33.53 -37.98 3.22
C MET A 26 34.91 -37.75 2.64
N ILE A 27 35.94 -37.89 3.50
CA ILE A 27 37.32 -37.73 3.07
C ILE A 27 38.08 -38.99 3.45
N ALA A 28 38.34 -39.86 2.47
CA ALA A 28 39.05 -41.12 2.72
C ALA A 28 40.37 -40.91 3.45
N MET A 29 40.60 -41.74 4.48
CA MET A 29 41.86 -41.72 5.21
C MET A 29 42.25 -40.32 5.68
N HIS A 30 41.28 -39.57 6.20
CA HIS A 30 41.56 -38.20 6.64
C HIS A 30 42.52 -38.09 7.82
N ASN A 31 42.63 -39.13 8.63
CA ASN A 31 43.49 -39.08 9.83
C ASN A 31 44.11 -40.45 10.13
N PRO A 32 45.08 -40.88 9.32
CA PRO A 32 45.63 -42.23 9.47
C PRO A 32 46.38 -42.43 10.78
N ALA A 33 46.26 -43.62 11.35
CA ALA A 33 47.03 -43.99 12.53
C ALA A 33 48.51 -43.90 12.25
N THR A 34 49.27 -43.60 13.30
CA THR A 34 50.73 -43.54 13.23
C THR A 34 51.28 -44.27 14.44
N ILE A 35 52.59 -44.52 14.46
CA ILE A 35 53.23 -45.13 15.64
C ILE A 35 52.87 -44.36 16.91
N ALA A 36 52.86 -43.04 16.82
CA ALA A 36 52.55 -42.22 17.99
C ALA A 36 51.06 -42.16 18.30
N ASN A 37 50.21 -42.45 17.32
CA ASN A 37 48.77 -42.39 17.49
C ASN A 37 48.13 -43.63 16.84
N PRO A 38 48.42 -44.83 17.38
CA PRO A 38 48.03 -46.08 16.73
C PRO A 38 46.55 -46.37 16.71
N ASN A 39 45.77 -45.74 17.58
CA ASN A 39 44.33 -45.98 17.59
C ASN A 39 43.54 -44.75 17.16
N ALA A 40 44.18 -43.92 16.34
CA ALA A 40 43.65 -42.63 15.88
C ALA A 40 42.14 -42.66 15.74
N PRO A 41 41.42 -41.97 16.63
CA PRO A 41 39.96 -41.95 16.55
C PRO A 41 39.43 -41.11 15.41
N THR A 42 38.29 -41.50 14.86
CA THR A 42 37.70 -40.69 13.79
C THR A 42 36.78 -39.66 14.45
N GLU A 43 35.98 -38.96 13.65
CA GLU A 43 34.97 -38.06 14.19
C GLU A 43 33.68 -38.22 13.39
N PHE A 44 32.59 -37.79 14.02
CA PHE A 44 31.25 -37.88 13.45
C PHE A 44 30.87 -36.46 12.99
N ILE A 45 30.98 -36.20 11.69
CA ILE A 45 30.72 -34.87 11.15
C ILE A 45 29.26 -34.67 10.81
N GLU A 46 28.84 -33.42 10.79
CA GLU A 46 27.48 -33.06 10.41
C GLU A 46 27.51 -32.26 9.12
N PHE A 47 26.58 -32.55 8.22
CA PHE A 47 26.53 -31.86 6.94
C PHE A 47 25.09 -31.67 6.49
N PRO A 48 24.87 -30.74 5.58
CA PRO A 48 23.51 -30.43 5.18
C PRO A 48 23.01 -31.32 4.03
N ILE A 49 21.71 -31.55 4.02
CA ILE A 49 20.98 -32.19 2.92
C ILE A 49 20.11 -31.10 2.34
N TYR A 50 20.22 -30.86 1.04
CA TYR A 50 19.46 -29.80 0.41
C TYR A 50 19.02 -30.14 -1.01
N THR A 51 18.09 -29.35 -1.49
CA THR A 51 17.49 -29.48 -2.80
C THR A 51 17.41 -28.09 -3.41
N VAL A 52 17.29 -28.02 -4.74
CA VAL A 52 17.25 -26.76 -5.46
C VAL A 52 16.04 -26.74 -6.38
N LEU A 53 15.20 -25.71 -6.23
CA LEU A 53 14.06 -25.51 -7.11
C LEU A 53 14.38 -24.35 -8.03
N ILE A 54 14.30 -24.59 -9.34
CA ILE A 54 14.36 -23.51 -10.30
C ILE A 54 12.95 -23.23 -10.80
N ASP A 55 12.36 -22.13 -10.36
CA ASP A 55 11.06 -21.72 -10.84
C ASP A 55 11.28 -21.00 -12.17
N HIS A 56 11.25 -21.77 -13.24
CA HIS A 56 11.62 -21.32 -14.57
C HIS A 56 10.35 -21.07 -15.38
N PRO A 57 10.35 -20.04 -16.23
CA PRO A 57 9.10 -19.72 -16.94
C PRO A 57 8.57 -20.86 -17.81
N GLU A 58 9.46 -21.73 -18.30
CA GLU A 58 9.08 -22.90 -19.09
C GLU A 58 8.58 -24.07 -18.23
N GLY A 59 8.75 -23.99 -16.92
CA GLY A 59 8.27 -25.05 -16.01
C GLY A 59 9.21 -25.25 -14.84
N LYS A 60 8.68 -25.71 -13.73
CA LYS A 60 9.49 -25.84 -12.52
C LYS A 60 10.40 -27.06 -12.60
N ILE A 61 11.65 -26.86 -12.20
CA ILE A 61 12.66 -27.91 -12.24
C ILE A 61 13.21 -28.11 -10.84
N LEU A 62 13.18 -29.35 -10.38
CA LEU A 62 13.68 -29.68 -9.06
C LEU A 62 14.95 -30.51 -9.18
N PHE A 63 16.04 -30.09 -8.53
CA PHE A 63 17.29 -30.86 -8.53
C PHE A 63 17.42 -31.53 -7.17
N ASP A 64 17.37 -32.86 -7.17
CA ASP A 64 17.38 -33.75 -5.98
C ASP A 64 16.11 -33.61 -5.15
N THR A 65 15.93 -34.54 -4.21
CA THR A 65 14.67 -34.59 -3.46
C THR A 65 14.85 -34.88 -1.97
N SER A 66 16.08 -34.89 -1.50
CA SER A 66 16.38 -35.12 -0.07
C SER A 66 15.97 -36.52 0.40
N CYS A 67 15.60 -36.65 1.69
CA CYS A 67 15.32 -37.94 2.32
C CYS A 67 13.84 -38.09 2.52
N ASN A 68 13.34 -39.31 2.50
CA ASN A 68 11.92 -39.46 2.77
C ASN A 68 11.58 -39.19 4.25
N PRO A 69 10.42 -38.55 4.49
CA PRO A 69 10.06 -38.32 5.91
C PRO A 69 9.93 -39.57 6.73
N ASP A 70 9.71 -40.73 6.09
CA ASP A 70 9.58 -41.99 6.81
C ASP A 70 10.86 -42.79 6.87
N SER A 71 12.00 -42.10 6.73
CA SER A 71 13.30 -42.75 6.71
C SER A 71 13.74 -43.33 8.05
N MET A 72 13.66 -42.52 9.11
CA MET A 72 14.29 -42.87 10.39
C MET A 72 13.29 -43.47 11.36
N GLY A 73 13.80 -44.15 12.38
CA GLY A 73 12.95 -44.72 13.41
C GLY A 73 12.82 -46.24 13.32
N ALA A 74 12.24 -46.84 14.35
CA ALA A 74 12.16 -48.30 14.42
C ALA A 74 11.31 -48.84 13.28
N GLN A 75 10.32 -48.07 12.85
CA GLN A 75 9.47 -48.45 11.73
C GLN A 75 9.83 -47.68 10.46
N GLY A 76 11.01 -47.08 10.42
CA GLY A 76 11.43 -46.34 9.23
C GLY A 76 11.89 -47.22 8.08
N ARG A 77 12.01 -46.62 6.91
CA ARG A 77 12.43 -47.35 5.72
C ARG A 77 13.91 -47.68 5.69
N TRP A 78 14.72 -46.83 6.31
CA TRP A 78 16.16 -47.08 6.33
C TRP A 78 16.50 -48.23 7.27
N GLY A 79 17.44 -49.07 6.88
CA GLY A 79 17.83 -50.21 7.72
C GLY A 79 18.46 -49.72 9.02
N GLU A 80 18.34 -50.53 10.07
N GLU A 80 18.35 -50.52 10.08
CA GLU A 80 18.88 -50.18 11.40
CA GLU A 80 18.85 -50.07 11.39
C GLU A 80 20.33 -49.72 11.37
C GLU A 80 20.35 -49.74 11.42
N ALA A 81 21.17 -50.47 10.66
CA ALA A 81 22.60 -50.19 10.63
C ALA A 81 22.85 -48.88 9.87
N THR A 82 22.09 -48.70 8.80
CA THR A 82 22.17 -47.47 8.04
C THR A 82 21.80 -46.27 8.89
N GLN A 83 20.71 -46.37 9.65
CA GLN A 83 20.32 -45.31 10.56
C GLN A 83 21.41 -44.97 11.58
N SER A 84 22.16 -45.98 12.01
CA SER A 84 23.16 -45.77 13.06
C SER A 84 24.43 -45.09 12.51
N MET A 85 24.69 -45.28 11.22
CA MET A 85 25.92 -44.76 10.60
C MET A 85 25.70 -43.43 9.87
N PHE A 86 24.46 -43.17 9.46
CA PHE A 86 24.12 -41.99 8.65
C PHE A 86 22.85 -41.30 9.16
N PRO A 87 22.76 -41.03 10.47
CA PRO A 87 21.50 -40.51 11.02
C PRO A 87 21.10 -39.18 10.41
N TRP A 88 19.83 -39.05 10.03
CA TRP A 88 19.28 -37.81 9.48
C TRP A 88 18.39 -37.17 10.54
N THR A 89 18.62 -35.89 10.80
N THR A 89 18.64 -35.89 10.81
CA THR A 89 17.77 -35.15 11.72
CA THR A 89 17.81 -35.10 11.71
C THR A 89 17.13 -34.01 10.96
C THR A 89 17.12 -34.01 10.91
N ALA A 90 15.81 -33.92 11.06
CA ALA A 90 15.05 -32.90 10.34
C ALA A 90 13.76 -32.65 11.06
N SER A 91 13.49 -31.39 11.34
CA SER A 91 12.20 -30.97 11.86
C SER A 91 11.16 -31.05 10.74
N GLU A 92 9.89 -31.03 11.10
CA GLU A 92 8.82 -31.10 10.11
C GLU A 92 9.00 -30.05 9.00
N GLU A 93 9.46 -28.86 9.37
CA GLU A 93 9.57 -27.78 8.39
C GLU A 93 10.65 -28.06 7.34
N CYS A 94 11.59 -28.94 7.66
N CYS A 94 11.58 -28.96 7.67
CA CYS A 94 12.66 -29.27 6.72
CA CYS A 94 12.69 -29.34 6.78
C CYS A 94 12.22 -30.28 5.65
C CYS A 94 12.26 -30.33 5.69
N TYR A 95 11.13 -30.99 5.88
CA TYR A 95 10.69 -31.99 4.90
C TYR A 95 10.40 -31.30 3.57
N LEU A 96 10.78 -31.93 2.47
CA LEU A 96 10.63 -31.29 1.17
C LEU A 96 9.18 -30.86 0.88
N HIS A 97 8.18 -31.70 1.20
CA HIS A 97 6.80 -31.34 0.92
C HIS A 97 6.41 -30.06 1.64
N ASN A 98 6.92 -29.87 2.85
CA ASN A 98 6.69 -28.62 3.61
C ASN A 98 7.47 -27.42 3.04
N ARG A 99 8.74 -27.61 2.67
CA ARG A 99 9.49 -26.54 2.03
C ARG A 99 8.82 -26.06 0.75
N LEU A 100 8.26 -26.98 -0.02
CA LEU A 100 7.59 -26.60 -1.25
C LEU A 100 6.28 -25.88 -0.95
N GLU A 101 5.55 -26.37 0.04
CA GLU A 101 4.25 -25.77 0.38
C GLU A 101 4.42 -24.33 0.88
N GLN A 102 5.53 -24.04 1.54
CA GLN A 102 5.77 -22.68 2.02
C GLN A 102 6.15 -21.74 0.90
N LEU A 103 6.44 -22.30 -0.27
CA LEU A 103 6.65 -21.52 -1.47
C LEU A 103 5.41 -21.55 -2.37
N LYS A 104 4.34 -22.16 -1.87
CA LYS A 104 3.09 -22.33 -2.64
C LYS A 104 3.33 -23.12 -3.92
N VAL A 105 4.19 -24.13 -3.83
CA VAL A 105 4.47 -25.00 -4.97
C VAL A 105 3.93 -26.38 -4.65
N ARG A 106 3.04 -26.89 -5.50
CA ARG A 106 2.49 -28.24 -5.29
C ARG A 106 3.41 -29.23 -6.01
N PRO A 107 3.56 -30.44 -5.47
CA PRO A 107 4.34 -31.46 -6.16
C PRO A 107 3.87 -31.66 -7.59
N GLU A 108 2.55 -31.59 -7.80
CA GLU A 108 1.98 -31.75 -9.13
C GLU A 108 2.44 -30.69 -10.13
N ASP A 109 2.96 -29.57 -9.62
CA ASP A 109 3.44 -28.47 -10.46
C ASP A 109 4.87 -28.66 -11.00
N ILE A 110 5.57 -29.68 -10.53
CA ILE A 110 6.96 -29.87 -10.95
C ILE A 110 6.98 -30.58 -12.31
N LYS A 111 7.68 -29.99 -13.27
CA LYS A 111 7.77 -30.55 -14.62
C LYS A 111 8.93 -31.53 -14.79
N PHE A 112 10.07 -31.20 -14.19
CA PHE A 112 11.27 -32.06 -14.24
C PHE A 112 11.89 -32.20 -12.86
N VAL A 113 12.25 -33.43 -12.52
CA VAL A 113 13.05 -33.70 -11.36
C VAL A 113 14.34 -34.31 -11.85
N ILE A 114 15.47 -33.71 -11.45
CA ILE A 114 16.77 -34.30 -11.76
C ILE A 114 17.25 -35.12 -10.58
N ALA A 115 17.37 -36.43 -10.75
CA ALA A 115 17.92 -37.28 -9.72
C ALA A 115 19.41 -37.37 -9.97
N SER A 116 20.20 -36.63 -9.19
CA SER A 116 21.64 -36.60 -9.41
C SER A 116 22.17 -38.00 -9.33
N HIS A 117 21.63 -38.75 -8.38
CA HIS A 117 21.84 -40.19 -8.24
C HIS A 117 20.74 -40.71 -7.34
N LEU A 118 20.73 -42.00 -7.04
CA LEU A 118 19.59 -42.60 -6.34
C LEU A 118 19.87 -42.99 -4.89
N HIS A 119 20.89 -42.36 -4.30
CA HIS A 119 21.17 -42.51 -2.88
C HIS A 119 20.04 -41.99 -1.98
N LEU A 120 19.99 -42.55 -0.79
CA LEU A 120 18.96 -42.31 0.21
C LEU A 120 18.65 -40.84 0.49
N ASP A 121 19.66 -39.99 0.36
CA ASP A 121 19.53 -38.57 0.70
C ASP A 121 19.32 -37.64 -0.50
N HIS A 122 19.17 -38.20 -1.70
CA HIS A 122 18.90 -37.42 -2.92
C HIS A 122 17.61 -37.87 -3.61
N ALA A 123 17.24 -39.14 -3.45
CA ALA A 123 16.08 -39.71 -4.15
C ALA A 123 14.94 -40.03 -3.22
N GLY A 124 15.03 -39.58 -1.97
CA GLY A 124 14.06 -39.97 -0.94
C GLY A 124 12.61 -39.58 -1.21
N CYS A 125 12.37 -38.50 -1.94
CA CYS A 125 11.02 -38.00 -2.17
C CYS A 125 10.58 -38.03 -3.64
N LEU A 126 11.27 -38.81 -4.48
CA LEU A 126 10.86 -38.91 -5.87
C LEU A 126 9.38 -39.29 -5.97
N GLU A 127 8.90 -40.11 -5.03
CA GLU A 127 7.57 -40.67 -5.13
C GLU A 127 6.48 -39.59 -5.10
N MET A 128 6.84 -38.40 -4.64
CA MET A 128 5.87 -37.28 -4.58
C MET A 128 5.53 -36.73 -5.97
N PHE A 129 6.40 -36.94 -6.94
CA PHE A 129 6.33 -36.22 -8.20
C PHE A 129 5.79 -37.07 -9.33
N THR A 130 4.49 -37.29 -9.27
CA THR A 130 3.82 -38.20 -10.17
C THR A 130 3.46 -37.58 -11.52
N ASN A 131 3.66 -36.27 -11.69
N ASN A 131 3.65 -36.27 -11.67
CA ASN A 131 3.40 -35.60 -12.96
CA ASN A 131 3.39 -35.56 -12.94
C ASN A 131 4.67 -35.24 -13.70
C ASN A 131 4.66 -35.20 -13.68
N ALA A 132 5.79 -35.25 -12.98
CA ALA A 132 7.05 -34.82 -13.54
C ALA A 132 7.69 -35.88 -14.42
N THR A 133 8.56 -35.44 -15.29
CA THR A 133 9.53 -36.36 -15.88
C THR A 133 10.71 -36.49 -14.92
N ILE A 134 11.05 -37.71 -14.53
CA ILE A 134 12.13 -37.96 -13.57
C ILE A 134 13.38 -38.32 -14.36
N ILE A 135 14.39 -37.43 -14.34
CA ILE A 135 15.59 -37.61 -15.13
C ILE A 135 16.70 -38.29 -14.30
N VAL A 136 17.23 -39.40 -14.82
CA VAL A 136 18.20 -40.19 -14.05
C VAL A 136 19.15 -40.87 -15.02
N HIS A 137 20.38 -41.11 -14.58
CA HIS A 137 21.36 -41.79 -15.43
C HIS A 137 20.94 -43.26 -15.60
N GLU A 138 21.00 -43.80 -16.83
CA GLU A 138 20.50 -45.18 -17.05
C GLU A 138 21.17 -46.24 -16.18
N ASP A 139 22.46 -46.11 -15.95
CA ASP A 139 23.20 -47.08 -15.15
C ASP A 139 22.92 -46.96 -13.65
N GLU A 140 22.59 -45.75 -13.22
CA GLU A 140 22.22 -45.55 -11.83
C GLU A 140 20.84 -46.19 -11.56
N PHE A 141 19.93 -46.02 -12.52
CA PHE A 141 18.58 -46.61 -12.46
C PHE A 141 18.70 -48.13 -12.44
N SER A 142 19.51 -48.68 -13.35
CA SER A 142 19.72 -50.13 -13.41
C SER A 142 20.28 -50.68 -12.10
N GLY A 143 21.29 -50.01 -11.56
CA GLY A 143 21.92 -50.49 -10.34
C GLY A 143 20.99 -50.47 -9.15
N ALA A 144 20.24 -49.38 -9.01
CA ALA A 144 19.26 -49.28 -7.93
C ALA A 144 18.17 -50.35 -8.04
N LEU A 145 17.67 -50.59 -9.25
CA LEU A 145 16.65 -51.61 -9.45
C LEU A 145 17.17 -53.00 -9.12
N GLN A 146 18.43 -53.29 -9.42
CA GLN A 146 18.96 -54.60 -9.04
C GLN A 146 19.04 -54.75 -7.52
N THR A 147 19.36 -53.67 -6.79
CA THR A 147 19.34 -53.78 -5.31
C THR A 147 17.95 -54.12 -4.82
N TYR A 148 16.95 -53.52 -5.46
CA TYR A 148 15.57 -53.75 -5.10
C TYR A 148 15.16 -55.21 -5.34
N ALA A 149 15.54 -55.72 -6.50
CA ALA A 149 15.22 -57.11 -6.86
C ALA A 149 15.83 -58.11 -5.90
N ARG A 150 16.97 -57.74 -5.31
CA ARG A 150 17.63 -58.58 -4.31
C ARG A 150 17.18 -58.32 -2.89
N ASN A 151 16.16 -57.50 -2.74
CA ASN A 151 15.54 -57.26 -1.45
C ASN A 151 16.58 -56.84 -0.42
N GLN A 152 17.46 -55.93 -0.81
CA GLN A 152 18.53 -55.48 0.07
C GLN A 152 17.94 -54.49 1.08
N THR A 153 18.08 -54.84 2.34
CA THR A 153 17.46 -54.14 3.47
C THR A 153 18.37 -53.06 4.13
N GLU A 154 19.66 -53.09 3.81
CA GLU A 154 20.60 -52.09 4.33
C GLU A 154 21.34 -51.41 3.18
N GLY A 155 21.89 -50.24 3.45
CA GLY A 155 22.75 -49.59 2.49
C GLY A 155 22.13 -48.31 1.98
N ALA A 156 22.78 -47.74 0.97
CA ALA A 156 22.44 -46.40 0.47
C ALA A 156 21.28 -46.35 -0.49
N TYR A 157 20.86 -47.52 -0.98
CA TYR A 157 19.71 -47.59 -1.85
C TYR A 157 18.55 -48.18 -1.07
N ILE A 158 17.52 -47.38 -0.84
CA ILE A 158 16.45 -47.72 0.10
C ILE A 158 15.31 -48.50 -0.56
N TRP A 159 15.14 -49.74 -0.11
CA TRP A 159 14.19 -50.66 -0.73
C TRP A 159 12.79 -50.05 -0.73
N GLY A 160 12.38 -49.50 0.41
CA GLY A 160 11.06 -48.90 0.53
C GLY A 160 10.81 -47.68 -0.33
N ASP A 161 11.87 -46.90 -0.61
CA ASP A 161 11.76 -45.74 -1.49
C ASP A 161 11.54 -46.26 -2.91
N ILE A 162 12.38 -47.20 -3.33
CA ILE A 162 12.28 -47.75 -4.67
C ILE A 162 10.92 -48.37 -4.88
N ASP A 163 10.45 -49.10 -3.88
CA ASP A 163 9.13 -49.74 -3.93
C ASP A 163 8.07 -48.68 -4.21
N ALA A 164 8.17 -47.54 -3.54
CA ALA A 164 7.22 -46.48 -3.73
C ALA A 164 7.32 -45.83 -5.11
N TRP A 165 8.52 -45.72 -5.66
CA TRP A 165 8.64 -45.17 -7.02
C TRP A 165 7.88 -46.04 -8.01
N ILE A 166 8.00 -47.34 -7.84
CA ILE A 166 7.36 -48.29 -8.77
C ILE A 166 5.86 -48.25 -8.61
N LYS A 167 5.40 -48.31 -7.37
CA LYS A 167 3.97 -48.23 -7.08
C LYS A 167 3.31 -46.95 -7.58
N ASN A 168 4.06 -45.84 -7.60
N ASN A 168 4.07 -45.86 -7.63
CA ASN A 168 3.50 -44.57 -8.06
CA ASN A 168 3.54 -44.57 -8.07
C ASN A 168 3.72 -44.32 -9.55
C ASN A 168 3.68 -44.35 -9.57
N ASN A 169 4.31 -45.29 -10.26
CA ASN A 169 4.50 -45.23 -11.70
C ASN A 169 5.06 -43.91 -12.21
N LEU A 170 6.24 -43.58 -11.74
CA LEU A 170 6.87 -42.35 -12.17
C LEU A 170 7.23 -42.38 -13.63
N ASN A 171 7.32 -41.20 -14.21
N ASN A 171 7.19 -41.21 -14.26
CA ASN A 171 7.64 -41.01 -15.64
CA ASN A 171 7.64 -41.07 -15.63
C ASN A 171 9.14 -40.81 -15.89
C ASN A 171 9.14 -40.86 -15.61
N TRP A 172 9.87 -41.92 -15.95
CA TRP A 172 11.31 -41.88 -16.02
C TRP A 172 11.80 -41.52 -17.40
N ARG A 173 12.82 -40.67 -17.42
CA ARG A 173 13.62 -40.48 -18.60
C ARG A 173 15.05 -40.84 -18.23
N THR A 174 15.59 -41.87 -18.86
CA THR A 174 16.95 -42.25 -18.55
C THR A 174 17.91 -41.54 -19.49
N ILE A 175 18.93 -40.94 -18.90
CA ILE A 175 20.01 -40.34 -19.66
C ILE A 175 20.99 -41.45 -20.02
N LYS A 176 21.32 -41.57 -21.30
CA LYS A 176 22.17 -42.66 -21.73
C LYS A 176 23.62 -42.37 -21.42
N ARG A 177 24.41 -43.43 -21.28
CA ARG A 177 25.75 -43.29 -20.77
C ARG A 177 26.61 -42.40 -21.68
N ASP A 178 26.25 -42.29 -22.96
CA ASP A 178 27.03 -41.47 -23.92
C ASP A 178 26.37 -40.11 -24.22
N GLU A 179 25.30 -39.79 -23.49
CA GLU A 179 24.51 -38.59 -23.73
C GLU A 179 24.98 -37.51 -22.75
N ASP A 180 25.20 -36.30 -23.23
CA ASP A 180 25.71 -35.23 -22.36
C ASP A 180 25.14 -33.87 -22.79
N ASN A 181 25.25 -32.89 -21.89
CA ASN A 181 24.87 -31.52 -22.20
C ASN A 181 23.45 -31.44 -22.74
N ILE A 182 22.52 -31.99 -21.95
CA ILE A 182 21.14 -32.11 -22.38
C ILE A 182 20.37 -30.86 -21.95
N VAL A 183 19.94 -30.07 -22.93
CA VAL A 183 19.25 -28.83 -22.64
C VAL A 183 17.80 -29.08 -22.30
N LEU A 184 17.39 -28.66 -21.11
CA LEU A 184 16.02 -28.85 -20.64
C LEU A 184 15.13 -27.64 -20.88
N ALA A 185 15.77 -26.48 -20.87
CA ALA A 185 15.06 -25.20 -20.93
C ALA A 185 16.11 -24.13 -21.10
N GLU A 186 15.69 -22.93 -21.44
CA GLU A 186 16.65 -21.87 -21.64
C GLU A 186 17.51 -21.73 -20.39
N GLY A 187 18.82 -21.89 -20.57
CA GLY A 187 19.78 -21.76 -19.49
C GLY A 187 19.79 -22.90 -18.48
N ILE A 188 19.21 -24.05 -18.83
CA ILE A 188 19.18 -25.22 -17.93
C ILE A 188 19.69 -26.44 -18.69
N LYS A 189 20.84 -26.96 -18.26
CA LYS A 189 21.52 -28.01 -18.99
C LYS A 189 22.00 -29.13 -18.07
N ILE A 190 21.66 -30.37 -18.43
CA ILE A 190 22.05 -31.53 -17.64
C ILE A 190 23.47 -31.93 -18.02
N LEU A 191 24.29 -32.15 -17.00
CA LEU A 191 25.67 -32.55 -17.17
C LEU A 191 25.78 -34.00 -16.78
N ASN A 192 26.31 -34.84 -17.69
CA ASN A 192 26.43 -36.26 -17.42
C ASN A 192 27.85 -36.56 -16.97
N PHE A 193 28.04 -36.77 -15.67
CA PHE A 193 29.36 -37.07 -15.11
C PHE A 193 29.70 -38.55 -15.19
N GLY A 194 28.70 -39.40 -15.43
CA GLY A 194 28.95 -40.84 -15.52
C GLY A 194 29.34 -41.47 -14.21
N SER A 195 30.08 -42.57 -14.27
CA SER A 195 30.38 -43.33 -13.05
C SER A 195 31.49 -42.68 -12.23
N GLY A 196 31.37 -42.80 -10.92
CA GLY A 196 32.32 -42.18 -9.98
C GLY A 196 31.90 -42.49 -8.57
N HIS A 197 31.32 -41.49 -7.93
CA HIS A 197 30.72 -41.65 -6.63
C HIS A 197 29.70 -42.79 -6.62
N ALA A 198 28.90 -42.89 -7.67
CA ALA A 198 27.91 -43.95 -7.84
C ALA A 198 27.95 -44.43 -9.29
N TRP A 199 26.98 -45.24 -9.70
CA TRP A 199 26.98 -45.80 -11.04
C TRP A 199 26.82 -44.76 -12.14
N GLY A 200 25.99 -43.74 -11.90
CA GLY A 200 25.78 -42.70 -12.90
C GLY A 200 25.35 -41.40 -12.24
N MET A 201 26.21 -40.40 -12.34
CA MET A 201 26.00 -39.12 -11.67
C MET A 201 25.58 -38.06 -12.69
N LEU A 202 24.48 -37.34 -12.39
CA LEU A 202 24.08 -36.18 -13.14
C LEU A 202 24.24 -34.90 -12.33
N GLY A 203 24.64 -33.84 -13.02
CA GLY A 203 24.67 -32.50 -12.44
C GLY A 203 23.85 -31.56 -13.29
N LEU A 204 23.80 -30.29 -12.93
CA LEU A 204 23.02 -29.33 -13.69
C LEU A 204 23.81 -28.06 -13.80
N HIS A 205 23.82 -27.49 -14.99
CA HIS A 205 24.29 -26.12 -15.17
C HIS A 205 23.08 -25.19 -15.33
N VAL A 206 23.05 -24.15 -14.51
CA VAL A 206 21.96 -23.19 -14.48
C VAL A 206 22.55 -21.85 -14.81
N GLN A 207 21.98 -21.17 -15.81
CA GLN A 207 22.42 -19.80 -16.12
C GLN A 207 21.35 -18.83 -15.68
N LEU A 208 21.64 -17.99 -14.69
CA LEU A 208 20.68 -17.00 -14.20
C LEU A 208 21.09 -15.63 -14.71
N PRO A 209 20.10 -14.81 -15.12
CA PRO A 209 20.35 -13.47 -15.65
C PRO A 209 21.29 -12.64 -14.79
N GLU A 210 21.06 -12.63 -13.47
CA GLU A 210 21.85 -11.78 -12.58
C GLU A 210 23.02 -12.54 -11.94
N LYS A 211 22.73 -13.69 -11.34
CA LYS A 211 23.75 -14.45 -10.62
C LYS A 211 24.80 -15.06 -11.54
N GLY A 212 24.41 -15.35 -12.79
CA GLY A 212 25.32 -15.99 -13.73
C GLY A 212 25.24 -17.51 -13.64
N GLY A 213 26.37 -18.17 -13.86
CA GLY A 213 26.44 -19.64 -13.93
C GLY A 213 26.64 -20.32 -12.60
N ILE A 214 25.89 -21.41 -12.43
CA ILE A 214 25.96 -22.27 -11.25
C ILE A 214 26.03 -23.69 -11.75
N ILE A 215 26.99 -24.46 -11.23
CA ILE A 215 27.00 -25.91 -11.43
C ILE A 215 26.58 -26.61 -10.16
N LEU A 216 25.49 -27.38 -10.25
CA LEU A 216 25.05 -28.23 -9.15
C LEU A 216 25.72 -29.59 -9.29
N ALA A 217 26.68 -29.83 -8.42
CA ALA A 217 27.55 -31.00 -8.54
C ALA A 217 27.02 -32.22 -7.82
N SER A 218 26.17 -31.98 -6.82
CA SER A 218 25.75 -33.04 -5.90
C SER A 218 26.98 -33.80 -5.40
N ASP A 219 26.85 -35.11 -5.26
CA ASP A 219 27.91 -35.93 -4.65
C ASP A 219 29.07 -36.26 -5.58
N ALA A 220 29.08 -35.70 -6.79
CA ALA A 220 30.30 -35.74 -7.58
C ALA A 220 31.42 -34.96 -6.85
N VAL A 221 31.03 -33.99 -6.04
CA VAL A 221 31.99 -33.27 -5.18
C VAL A 221 31.32 -32.97 -3.85
N TYR A 222 31.69 -33.70 -2.81
CA TYR A 222 31.03 -33.55 -1.52
C TYR A 222 31.23 -32.18 -0.92
N SER A 223 32.42 -31.64 -1.05
CA SER A 223 32.84 -30.44 -0.29
C SER A 223 34.05 -29.77 -0.91
N ALA A 224 34.35 -28.56 -0.44
CA ALA A 224 35.54 -27.86 -0.88
C ALA A 224 36.80 -28.67 -0.62
N GLU A 225 36.85 -29.38 0.50
CA GLU A 225 38.01 -30.22 0.81
C GLU A 225 38.15 -31.34 -0.22
N SER A 226 37.04 -31.92 -0.64
CA SER A 226 37.05 -32.93 -1.70
C SER A 226 37.60 -32.35 -3.00
N TYR A 227 37.21 -31.13 -3.30
CA TYR A 227 37.47 -30.47 -4.58
C TYR A 227 38.92 -30.06 -4.73
N GLY A 228 39.52 -29.62 -3.62
CA GLY A 228 40.94 -29.25 -3.59
C GLY A 228 41.24 -28.02 -4.42
N PRO A 229 42.42 -27.97 -5.05
CA PRO A 229 43.41 -29.05 -5.05
C PRO A 229 44.10 -29.18 -3.69
N PRO A 230 44.62 -30.35 -3.33
CA PRO A 230 44.54 -31.58 -4.13
C PRO A 230 43.16 -32.26 -3.99
N ILE A 231 42.75 -33.00 -5.02
CA ILE A 231 41.50 -33.73 -4.94
C ILE A 231 41.59 -34.81 -3.85
N LYS A 232 40.57 -34.88 -3.01
CA LYS A 232 40.53 -35.87 -1.94
C LYS A 232 39.27 -36.71 -2.10
N PRO A 233 39.44 -37.97 -2.49
CA PRO A 233 38.29 -38.81 -2.74
C PRO A 233 37.61 -39.28 -1.47
N PRO A 234 36.34 -39.66 -1.60
CA PRO A 234 35.56 -40.11 -0.47
C PRO A 234 35.91 -41.53 -0.08
N GLY A 235 35.52 -41.92 1.13
CA GLY A 235 35.55 -43.30 1.53
C GLY A 235 34.35 -43.92 0.86
N ILE A 236 34.50 -45.17 0.45
CA ILE A 236 33.52 -45.83 -0.38
C ILE A 236 33.18 -45.00 -1.62
N ILE A 237 33.52 -45.61 -2.74
CA ILE A 237 33.47 -44.94 -3.99
C ILE A 237 33.28 -46.09 -4.96
N TYR A 238 32.38 -45.93 -5.92
CA TYR A 238 32.18 -46.98 -6.89
C TYR A 238 33.35 -47.07 -7.87
N ASP A 239 33.66 -45.94 -8.52
CA ASP A 239 34.64 -45.87 -9.60
C ASP A 239 35.65 -44.75 -9.30
N SER A 240 36.80 -45.12 -8.73
CA SER A 240 37.74 -44.09 -8.29
C SER A 240 38.35 -43.28 -9.46
N LEU A 241 38.64 -43.93 -10.58
CA LEU A 241 39.16 -43.19 -11.74
C LEU A 241 38.11 -42.25 -12.28
N GLY A 242 36.88 -42.74 -12.39
CA GLY A 242 35.76 -41.92 -12.87
C GLY A 242 35.49 -40.75 -11.95
N PHE A 243 35.67 -40.96 -10.66
CA PHE A 243 35.46 -39.88 -9.69
C PHE A 243 36.44 -38.72 -9.95
N VAL A 244 37.70 -39.06 -10.14
CA VAL A 244 38.72 -38.04 -10.42
C VAL A 244 38.42 -37.36 -11.75
N ARG A 245 38.11 -38.14 -12.80
N ARG A 245 38.11 -38.13 -12.80
CA ARG A 245 37.80 -37.59 -14.11
CA ARG A 245 37.83 -37.55 -14.11
C ARG A 245 36.66 -36.58 -14.01
C ARG A 245 36.65 -36.58 -14.03
N SER A 246 35.65 -36.92 -13.21
CA SER A 246 34.46 -36.10 -13.06
C SER A 246 34.75 -34.80 -12.33
N VAL A 247 35.59 -34.86 -11.29
CA VAL A 247 35.97 -33.62 -10.61
C VAL A 247 36.74 -32.74 -11.60
N GLU A 248 37.63 -33.34 -12.39
CA GLU A 248 38.37 -32.53 -13.37
C GLU A 248 37.44 -31.95 -14.46
N LYS A 249 36.40 -32.68 -14.82
CA LYS A 249 35.42 -32.19 -15.80
C LYS A 249 34.67 -30.99 -15.23
N ILE A 250 34.32 -31.08 -13.96
CA ILE A 250 33.60 -29.99 -13.31
C ILE A 250 34.46 -28.73 -13.23
N LYS A 251 35.74 -28.90 -12.91
CA LYS A 251 36.66 -27.77 -12.87
C LYS A 251 36.80 -27.13 -14.24
N ARG A 252 36.89 -27.95 -15.27
N ARG A 252 36.87 -27.96 -15.26
CA ARG A 252 37.02 -27.44 -16.64
CA ARG A 252 37.00 -27.51 -16.65
C ARG A 252 35.77 -26.64 -17.04
C ARG A 252 35.78 -26.67 -17.04
N ILE A 253 34.59 -27.21 -16.81
CA ILE A 253 33.34 -26.52 -17.14
C ILE A 253 33.20 -25.22 -16.35
N ALA A 254 33.57 -25.26 -15.07
CA ALA A 254 33.47 -24.09 -14.21
C ALA A 254 34.36 -22.96 -14.73
N LYS A 255 35.54 -23.33 -15.20
CA LYS A 255 36.49 -22.35 -15.72
C LYS A 255 35.99 -21.79 -17.05
N GLU A 256 35.55 -22.66 -17.96
CA GLU A 256 35.11 -22.23 -19.30
C GLU A 256 33.84 -21.38 -19.25
N THR A 257 32.96 -21.64 -18.29
CA THR A 257 31.70 -20.91 -18.24
C THR A 257 31.64 -19.87 -17.12
N ASN A 258 32.74 -19.68 -16.38
CA ASN A 258 32.76 -18.79 -15.21
C ASN A 258 31.61 -19.09 -14.24
N SER A 259 31.44 -20.37 -13.89
CA SER A 259 30.37 -20.79 -12.99
C SER A 259 30.89 -21.13 -11.61
N GLU A 260 30.06 -20.86 -10.60
CA GLU A 260 30.28 -21.30 -9.23
C GLU A 260 29.88 -22.76 -9.12
N VAL A 261 30.61 -23.55 -8.34
CA VAL A 261 30.27 -24.96 -8.12
C VAL A 261 29.68 -25.12 -6.73
N TRP A 262 28.45 -25.62 -6.69
CA TRP A 262 27.74 -25.86 -5.48
C TRP A 262 27.88 -27.35 -5.14
N PHE A 263 28.50 -27.63 -4.00
CA PHE A 263 28.86 -28.98 -3.62
C PHE A 263 27.69 -29.71 -3.00
N GLY A 264 27.78 -31.04 -2.94
CA GLY A 264 26.69 -31.83 -2.40
C GLY A 264 26.40 -31.60 -0.94
N HIS A 265 27.45 -31.53 -0.12
CA HIS A 265 27.29 -31.57 1.32
C HIS A 265 28.36 -30.73 2.05
N ASP A 266 28.51 -29.48 1.68
CA ASP A 266 29.53 -28.62 2.28
C ASP A 266 28.91 -27.68 3.29
N SER A 267 29.18 -27.93 4.57
CA SER A 267 28.57 -27.13 5.66
C SER A 267 28.82 -25.63 5.55
N GLU A 268 30.07 -25.25 5.31
CA GLU A 268 30.44 -23.85 5.21
C GLU A 268 29.84 -23.17 3.99
N GLN A 269 29.83 -23.84 2.84
CA GLN A 269 29.23 -23.25 1.66
C GLN A 269 27.71 -23.09 1.87
N PHE A 270 27.09 -24.13 2.42
CA PHE A 270 25.68 -24.10 2.65
C PHE A 270 25.25 -22.94 3.56
N LYS A 271 26.08 -22.64 4.55
N LYS A 271 26.09 -22.63 4.54
CA LYS A 271 25.83 -21.49 5.43
CA LYS A 271 25.83 -21.49 5.43
C LYS A 271 25.72 -20.19 4.64
C LYS A 271 25.72 -20.20 4.64
N ARG A 272 26.53 -20.06 3.60
CA ARG A 272 26.55 -18.83 2.78
C ARG A 272 25.34 -18.69 1.84
N PHE A 273 24.67 -19.80 1.50
CA PHE A 273 23.52 -19.74 0.60
C PHE A 273 22.38 -18.91 1.21
N ARG A 274 21.69 -18.16 0.35
CA ARG A 274 20.41 -17.62 0.71
C ARG A 274 19.41 -18.74 0.58
N LYS A 275 18.72 -19.08 1.66
CA LYS A 275 17.77 -20.19 1.68
C LYS A 275 16.34 -19.74 1.36
N SER A 276 15.44 -20.71 1.18
CA SER A 276 14.08 -20.43 0.71
C SER A 276 13.22 -19.71 1.74
N THR A 277 13.66 -19.74 2.98
CA THR A 277 13.01 -18.99 4.06
C THR A 277 13.35 -17.51 3.99
N GLU A 278 14.35 -17.16 3.19
CA GLU A 278 14.80 -15.78 3.04
C GLU A 278 14.67 -15.24 1.62
N GLY A 279 14.68 -16.11 0.62
CA GLY A 279 14.59 -15.63 -0.73
C GLY A 279 15.08 -16.62 -1.76
N TYR A 280 15.69 -16.07 -2.80
CA TYR A 280 15.96 -16.77 -4.03
C TYR A 280 17.07 -16.06 -4.79
N TYR A 281 17.59 -16.73 -5.79
CA TYR A 281 18.56 -16.14 -6.71
C TYR A 281 17.90 -15.89 -8.05
N GLU A 282 18.13 -14.69 -8.59
N GLU A 282 18.19 -14.73 -8.62
CA GLU A 282 17.62 -14.31 -9.90
CA GLU A 282 17.75 -14.41 -9.98
C GLU A 282 18.79 -14.18 -10.87
C GLU A 282 18.97 -14.32 -10.88
N ALA B 7 -0.35 -21.50 5.35
CA ALA B 7 0.24 -20.30 4.69
C ALA B 7 0.65 -19.26 5.73
N GLN B 8 1.82 -18.67 5.48
CA GLN B 8 2.42 -17.69 6.37
C GLN B 8 2.73 -16.44 5.58
N PRO B 9 2.87 -15.29 6.27
CA PRO B 9 3.13 -14.09 5.49
C PRO B 9 4.56 -13.98 4.99
N LYS B 10 4.72 -13.32 3.85
CA LYS B 10 6.04 -12.86 3.37
C LYS B 10 6.00 -11.36 3.12
N LEU B 11 7.00 -10.64 3.62
CA LEU B 11 7.09 -9.19 3.45
C LEU B 11 8.20 -8.86 2.46
N TYR B 12 7.86 -8.03 1.46
CA TYR B 12 8.80 -7.62 0.44
C TYR B 12 9.08 -6.12 0.50
N VAL B 13 10.35 -5.76 0.29
CA VAL B 13 10.77 -4.37 0.11
C VAL B 13 11.05 -4.14 -1.35
N MET B 14 10.30 -3.23 -1.96
CA MET B 14 10.46 -2.95 -3.37
C MET B 14 11.12 -1.60 -3.61
N ASP B 15 12.22 -1.64 -4.36
CA ASP B 15 13.01 -0.47 -4.69
C ASP B 15 12.36 0.32 -5.85
N ASN B 16 11.92 1.54 -5.56
CA ASN B 16 11.23 2.35 -6.54
C ASN B 16 12.03 3.59 -6.94
N GLY B 17 13.35 3.44 -6.95
CA GLY B 17 14.19 4.50 -7.46
C GLY B 17 14.71 5.43 -6.39
N ARG B 18 15.22 6.55 -6.85
CA ARG B 18 15.95 7.47 -5.97
C ARG B 18 15.48 8.89 -6.23
N MET B 19 15.48 9.69 -5.18
CA MET B 19 15.19 11.08 -5.33
C MET B 19 16.38 11.86 -4.78
N ARG B 20 16.54 13.09 -5.23
CA ARG B 20 17.54 13.98 -4.68
C ARG B 20 16.88 15.29 -4.24
N MET B 21 17.45 15.91 -3.22
CA MET B 21 16.96 17.20 -2.78
C MET B 21 17.97 17.86 -1.84
N ASP B 22 17.75 19.15 -1.60
CA ASP B 22 18.54 19.91 -0.65
C ASP B 22 18.49 19.20 0.70
N LYS B 23 19.65 18.91 1.27
CA LYS B 23 19.69 18.22 2.54
C LYS B 23 18.92 18.94 3.66
N ASN B 24 18.80 20.26 3.57
CA ASN B 24 18.04 21.01 4.58
C ASN B 24 16.57 20.60 4.65
N TRP B 25 16.00 20.12 3.54
CA TRP B 25 14.63 19.60 3.57
C TRP B 25 14.56 18.39 4.51
N MET B 26 15.61 17.57 4.54
CA MET B 26 15.59 16.36 5.35
C MET B 26 15.97 16.66 6.79
N ILE B 27 17.04 17.43 6.95
CA ILE B 27 17.57 17.75 8.28
C ILE B 27 17.71 19.26 8.35
N ALA B 28 16.78 19.91 9.04
CA ALA B 28 16.74 21.37 9.09
C ALA B 28 18.04 21.92 9.65
N MET B 29 18.52 23.00 9.02
CA MET B 29 19.72 23.70 9.50
C MET B 29 20.89 22.75 9.78
N HIS B 30 21.15 21.82 8.87
CA HIS B 30 22.17 20.81 9.09
C HIS B 30 23.59 21.36 9.09
N ASN B 31 23.80 22.47 8.39
CA ASN B 31 25.13 23.10 8.36
C ASN B 31 25.01 24.62 8.29
N PRO B 32 24.70 25.26 9.43
CA PRO B 32 24.45 26.69 9.40
C PRO B 32 25.72 27.49 9.10
N ALA B 33 25.55 28.59 8.38
CA ALA B 33 26.58 29.57 8.14
C ALA B 33 27.22 30.03 9.44
N THR B 34 28.53 30.28 9.40
CA THR B 34 29.26 30.82 10.54
C THR B 34 30.09 32.01 10.05
N ILE B 35 30.65 32.76 10.99
CA ILE B 35 31.50 33.89 10.68
C ILE B 35 32.69 33.41 9.83
N ALA B 36 33.18 32.20 10.09
CA ALA B 36 34.29 31.62 9.31
C ALA B 36 33.83 31.09 7.95
N ASN B 37 32.60 30.59 7.89
CA ASN B 37 32.04 29.98 6.70
C ASN B 37 30.65 30.61 6.41
N PRO B 38 30.64 31.90 6.02
CA PRO B 38 29.40 32.67 5.87
C PRO B 38 28.52 32.26 4.69
N ASN B 39 29.10 31.63 3.68
CA ASN B 39 28.34 31.24 2.50
C ASN B 39 28.29 29.73 2.33
N ALA B 40 28.23 29.04 3.48
CA ALA B 40 28.19 27.58 3.52
C ALA B 40 27.26 26.99 2.48
N PRO B 41 27.81 26.14 1.58
CA PRO B 41 27.00 25.51 0.55
C PRO B 41 26.23 24.35 1.14
N THR B 42 25.05 24.08 0.61
CA THR B 42 24.33 22.91 1.06
C THR B 42 24.72 21.73 0.17
N GLU B 43 24.13 20.56 0.45
CA GLU B 43 24.35 19.36 -0.35
C GLU B 43 23.02 18.94 -0.97
N PHE B 44 23.13 18.30 -2.12
CA PHE B 44 21.99 17.74 -2.84
C PHE B 44 22.05 16.23 -2.61
N ILE B 45 21.35 15.75 -1.59
CA ILE B 45 21.46 14.36 -1.14
C ILE B 45 20.58 13.44 -1.96
N GLU B 46 20.97 12.17 -2.02
CA GLU B 46 20.20 11.15 -2.72
C GLU B 46 19.61 10.19 -1.71
N PHE B 47 18.35 9.83 -1.91
CA PHE B 47 17.73 8.86 -1.00
C PHE B 47 16.75 7.93 -1.74
N PRO B 48 16.40 6.80 -1.11
CA PRO B 48 15.54 5.81 -1.75
C PRO B 48 14.06 6.12 -1.59
N ILE B 49 13.31 5.79 -2.64
CA ILE B 49 11.85 5.71 -2.58
C ILE B 49 11.51 4.23 -2.60
N TYR B 50 10.71 3.79 -1.63
CA TYR B 50 10.38 2.39 -1.58
C TYR B 50 8.98 2.11 -1.07
N THR B 51 8.55 0.87 -1.28
CA THR B 51 7.23 0.42 -0.90
C THR B 51 7.37 -0.96 -0.25
N VAL B 52 6.37 -1.35 0.51
CA VAL B 52 6.42 -2.62 1.22
C VAL B 52 5.16 -3.42 0.91
N LEU B 53 5.33 -4.64 0.41
CA LEU B 53 4.21 -5.54 0.21
C LEU B 53 4.20 -6.60 1.27
N ILE B 54 3.07 -6.77 1.93
CA ILE B 54 2.92 -7.90 2.80
C ILE B 54 1.96 -8.88 2.15
N ASP B 55 2.51 -10.00 1.69
CA ASP B 55 1.71 -11.10 1.13
C ASP B 55 1.23 -11.93 2.32
N HIS B 56 0.05 -11.56 2.82
CA HIS B 56 -0.50 -12.08 4.05
C HIS B 56 -1.61 -13.08 3.70
N PRO B 57 -1.76 -14.15 4.48
CA PRO B 57 -2.78 -15.16 4.18
C PRO B 57 -4.20 -14.61 4.06
N GLU B 58 -4.50 -13.54 4.80
CA GLU B 58 -5.83 -12.91 4.74
C GLU B 58 -6.02 -11.95 3.58
N GLY B 59 -4.95 -11.64 2.86
CA GLY B 59 -5.04 -10.72 1.74
C GLY B 59 -3.80 -9.83 1.64
N LYS B 60 -3.47 -9.42 0.42
CA LYS B 60 -2.25 -8.65 0.18
C LYS B 60 -2.42 -7.20 0.62
N ILE B 61 -1.41 -6.72 1.33
CA ILE B 61 -1.40 -5.36 1.89
C ILE B 61 -0.18 -4.62 1.35
N LEU B 62 -0.41 -3.43 0.80
CA LEU B 62 0.68 -2.60 0.29
C LEU B 62 0.82 -1.35 1.13
N PHE B 63 2.03 -1.07 1.64
CA PHE B 63 2.31 0.16 2.37
C PHE B 63 3.04 1.12 1.45
N ASP B 64 2.36 2.22 1.13
CA ASP B 64 2.86 3.25 0.20
C ASP B 64 2.89 2.74 -1.25
N THR B 65 3.05 3.66 -2.20
CA THR B 65 2.95 3.31 -3.61
C THR B 65 3.97 4.02 -4.51
N SER B 66 4.94 4.70 -3.91
CA SER B 66 6.01 5.41 -4.65
C SER B 66 5.50 6.53 -5.55
N CYS B 67 6.21 6.80 -6.65
CA CYS B 67 5.89 7.90 -7.56
C CYS B 67 5.23 7.39 -8.83
N ASN B 68 4.38 8.19 -9.45
CA ASN B 68 3.79 7.74 -10.69
C ASN B 68 4.85 7.71 -11.80
N PRO B 69 4.81 6.69 -12.67
CA PRO B 69 5.75 6.66 -13.78
C PRO B 69 5.66 7.91 -14.67
N ASP B 70 4.52 8.61 -14.70
CA ASP B 70 4.40 9.84 -15.49
C ASP B 70 4.67 11.13 -14.70
N SER B 71 5.47 11.02 -13.65
CA SER B 71 5.81 12.18 -12.81
C SER B 71 6.73 13.20 -13.48
N MET B 72 7.83 12.72 -14.05
CA MET B 72 8.92 13.60 -14.48
C MET B 72 8.83 13.90 -15.97
N GLY B 73 9.52 14.95 -16.39
CA GLY B 73 9.62 15.29 -17.81
C GLY B 73 8.76 16.47 -18.17
N ALA B 74 8.95 16.98 -19.39
CA ALA B 74 8.26 18.19 -19.82
C ALA B 74 6.74 18.01 -19.87
N GLN B 75 6.28 16.78 -20.05
CA GLN B 75 4.86 16.47 -20.05
C GLN B 75 4.46 15.73 -18.79
N GLY B 76 5.33 15.75 -17.78
CA GLY B 76 5.07 15.04 -16.54
C GLY B 76 4.01 15.71 -15.69
N ARG B 77 3.43 14.92 -14.78
CA ARG B 77 2.43 15.42 -13.84
C ARG B 77 3.01 16.38 -12.81
N TRP B 78 4.27 16.20 -12.41
CA TRP B 78 4.88 17.07 -11.40
C TRP B 78 5.21 18.46 -11.97
N GLY B 79 4.98 19.51 -11.19
CA GLY B 79 5.30 20.87 -11.65
C GLY B 79 6.79 21.04 -11.93
N GLU B 80 7.16 22.01 -12.77
N GLU B 80 7.11 22.05 -12.74
CA GLU B 80 8.57 22.12 -13.13
CA GLU B 80 8.48 22.29 -13.17
C GLU B 80 9.49 22.50 -11.96
C GLU B 80 9.45 22.54 -12.01
N ALA B 81 9.06 23.40 -11.08
CA ALA B 81 9.88 23.73 -9.92
C ALA B 81 10.06 22.49 -9.01
N THR B 82 8.98 21.75 -8.83
CA THR B 82 9.03 20.53 -8.05
C THR B 82 10.01 19.54 -8.64
N GLN B 83 9.97 19.34 -9.95
CA GLN B 83 10.92 18.45 -10.62
C GLN B 83 12.36 18.93 -10.42
N SER B 84 12.57 20.25 -10.36
CA SER B 84 13.92 20.76 -10.23
C SER B 84 14.46 20.62 -8.81
N MET B 85 13.58 20.67 -7.81
CA MET B 85 14.02 20.56 -6.42
C MET B 85 14.00 19.15 -5.84
N PHE B 86 13.23 18.24 -6.45
CA PHE B 86 13.04 16.89 -5.94
C PHE B 86 13.07 15.88 -7.07
N PRO B 87 14.09 15.97 -7.95
CA PRO B 87 14.09 15.08 -9.09
C PRO B 87 14.09 13.60 -8.71
N TRP B 88 13.23 12.82 -9.37
CA TRP B 88 13.12 11.38 -9.17
C TRP B 88 13.76 10.64 -10.36
N THR B 89 14.70 9.74 -10.07
CA THR B 89 15.32 8.90 -11.09
C THR B 89 14.96 7.44 -10.87
N ALA B 90 14.42 6.83 -11.90
CA ALA B 90 13.96 5.45 -11.80
C ALA B 90 13.97 4.78 -13.18
N SER B 91 14.70 3.68 -13.30
CA SER B 91 14.62 2.81 -14.46
C SER B 91 13.24 2.14 -14.54
N GLU B 92 12.88 1.58 -15.70
CA GLU B 92 11.60 0.92 -15.85
C GLU B 92 11.37 -0.15 -14.79
N GLU B 93 12.43 -0.89 -14.45
N GLU B 93 12.42 -0.89 -14.43
CA GLU B 93 12.35 -1.97 -13.48
CA GLU B 93 12.30 -2.00 -13.49
C GLU B 93 11.89 -1.48 -12.11
C GLU B 93 11.92 -1.50 -12.09
N CYS B 94 12.15 -0.21 -11.83
CA CYS B 94 11.85 0.37 -10.51
C CYS B 94 10.39 0.76 -10.36
N TYR B 95 9.66 0.91 -11.46
CA TYR B 95 8.26 1.33 -11.34
C TYR B 95 7.49 0.27 -10.58
N LEU B 96 6.63 0.70 -9.66
CA LEU B 96 5.90 -0.23 -8.83
C LEU B 96 5.16 -1.30 -9.65
N HIS B 97 4.55 -0.94 -10.77
CA HIS B 97 3.83 -1.96 -11.55
C HIS B 97 4.76 -3.06 -12.03
N ASN B 98 6.01 -2.72 -12.33
CA ASN B 98 6.97 -3.73 -12.75
C ASN B 98 7.52 -4.54 -11.59
N ARG B 99 7.72 -3.91 -10.43
CA ARG B 99 8.17 -4.64 -9.28
C ARG B 99 7.15 -5.68 -8.87
N LEU B 100 5.86 -5.34 -8.99
CA LEU B 100 4.82 -6.26 -8.63
C LEU B 100 4.75 -7.38 -9.65
N GLU B 101 4.87 -7.04 -10.93
CA GLU B 101 4.78 -8.03 -12.00
C GLU B 101 5.89 -9.07 -11.84
N GLN B 102 7.07 -8.64 -11.41
CA GLN B 102 8.18 -9.58 -11.21
C GLN B 102 7.97 -10.51 -10.03
N LEU B 103 7.07 -10.14 -9.12
CA LEU B 103 6.65 -11.03 -8.04
C LEU B 103 5.36 -11.81 -8.38
N LYS B 104 4.86 -11.63 -9.60
CA LYS B 104 3.64 -12.25 -10.08
C LYS B 104 2.47 -11.86 -9.20
N VAL B 105 2.46 -10.60 -8.80
CA VAL B 105 1.37 -10.08 -8.00
C VAL B 105 0.58 -9.14 -8.89
N ARG B 106 -0.72 -9.41 -9.03
CA ARG B 106 -1.59 -8.55 -9.81
C ARG B 106 -2.08 -7.40 -8.93
N PRO B 107 -2.09 -6.17 -9.47
CA PRO B 107 -2.67 -5.05 -8.71
C PRO B 107 -4.12 -5.31 -8.30
N GLU B 108 -4.83 -6.11 -9.07
CA GLU B 108 -6.20 -6.48 -8.77
C GLU B 108 -6.28 -7.32 -7.50
N ASP B 109 -5.17 -7.95 -7.10
CA ASP B 109 -5.19 -8.81 -5.93
C ASP B 109 -4.76 -8.09 -4.66
N ILE B 110 -4.52 -6.79 -4.74
CA ILE B 110 -4.16 -6.03 -3.54
C ILE B 110 -5.45 -5.70 -2.79
N LYS B 111 -5.55 -6.15 -1.56
CA LYS B 111 -6.75 -5.91 -0.77
C LYS B 111 -6.76 -4.55 -0.04
N PHE B 112 -5.62 -4.16 0.51
CA PHE B 112 -5.51 -2.91 1.25
C PHE B 112 -4.26 -2.18 0.78
N VAL B 113 -4.38 -0.87 0.64
CA VAL B 113 -3.22 -0.01 0.45
C VAL B 113 -3.22 1.01 1.58
N ILE B 114 -2.11 1.09 2.30
CA ILE B 114 -1.95 2.11 3.34
C ILE B 114 -1.22 3.30 2.76
N ALA B 115 -1.91 4.43 2.70
CA ALA B 115 -1.28 5.67 2.27
C ALA B 115 -0.76 6.36 3.53
N SER B 116 0.54 6.25 3.78
CA SER B 116 1.16 6.84 4.98
C SER B 116 0.83 8.32 5.03
N HIS B 117 0.91 8.95 3.86
CA HIS B 117 0.42 10.30 3.62
C HIS B 117 0.28 10.48 2.10
N LEU B 118 -0.08 11.66 1.62
CA LEU B 118 -0.42 11.81 0.22
C LEU B 118 0.58 12.60 -0.61
N HIS B 119 1.81 12.68 -0.11
CA HIS B 119 2.90 13.28 -0.82
C HIS B 119 3.22 12.54 -2.13
N LEU B 120 3.80 13.28 -3.06
CA LEU B 120 4.13 12.83 -4.41
C LEU B 120 4.88 11.49 -4.50
N ASP B 121 5.71 11.20 -3.50
CA ASP B 121 6.53 9.99 -3.51
C ASP B 121 5.96 8.83 -2.71
N HIS B 122 4.74 8.95 -2.20
CA HIS B 122 4.11 7.85 -1.46
C HIS B 122 2.75 7.49 -2.03
N ALA B 123 2.07 8.45 -2.65
CA ALA B 123 0.74 8.20 -3.19
C ALA B 123 0.69 8.18 -4.72
N GLY B 124 1.85 8.12 -5.37
CA GLY B 124 1.91 8.28 -6.82
C GLY B 124 1.20 7.20 -7.63
N CYS B 125 1.08 6.00 -7.07
CA CYS B 125 0.46 4.89 -7.81
C CYS B 125 -0.82 4.38 -7.16
N LEU B 126 -1.45 5.16 -6.29
CA LEU B 126 -2.74 4.76 -5.76
C LEU B 126 -3.73 4.36 -6.85
N GLU B 127 -3.69 5.05 -7.99
CA GLU B 127 -4.68 4.82 -9.06
C GLU B 127 -4.65 3.41 -9.67
N MET B 128 -3.59 2.67 -9.42
CA MET B 128 -3.50 1.28 -9.91
C MET B 128 -4.43 0.33 -9.19
N PHE B 129 -4.83 0.67 -7.96
CA PHE B 129 -5.40 -0.34 -7.11
C PHE B 129 -6.89 -0.15 -6.96
N THR B 130 -7.59 -0.50 -8.03
CA THR B 130 -9.04 -0.31 -8.12
C THR B 130 -9.90 -1.36 -7.38
N ASN B 131 -9.31 -2.43 -6.85
CA ASN B 131 -10.06 -3.37 -6.00
C ASN B 131 -9.73 -3.20 -4.53
N ALA B 132 -8.75 -2.37 -4.21
CA ALA B 132 -8.32 -2.27 -2.81
C ALA B 132 -9.16 -1.28 -2.04
N THR B 133 -9.13 -1.42 -0.73
CA THR B 133 -9.54 -0.36 0.16
C THR B 133 -8.29 0.51 0.40
N ILE B 134 -8.38 1.80 0.08
CA ILE B 134 -7.25 2.71 0.25
C ILE B 134 -7.40 3.38 1.60
N ILE B 135 -6.46 3.12 2.51
CA ILE B 135 -6.57 3.62 3.88
C ILE B 135 -5.72 4.89 4.06
N VAL B 136 -6.31 5.97 4.56
CA VAL B 136 -5.63 7.26 4.62
C VAL B 136 -6.15 8.04 5.83
N HIS B 137 -5.33 8.93 6.40
CA HIS B 137 -5.78 9.77 7.50
C HIS B 137 -6.80 10.77 6.98
N GLU B 138 -7.92 10.91 7.68
CA GLU B 138 -8.98 11.82 7.21
C GLU B 138 -8.52 13.25 6.93
N ASP B 139 -7.62 13.78 7.74
CA ASP B 139 -7.16 15.16 7.58
C ASP B 139 -6.15 15.31 6.44
N GLU B 140 -5.42 14.24 6.15
CA GLU B 140 -4.51 14.22 5.01
C GLU B 140 -5.30 14.21 3.70
N PHE B 141 -6.36 13.41 3.68
CA PHE B 141 -7.27 13.31 2.55
C PHE B 141 -7.89 14.69 2.31
N SER B 142 -8.41 15.32 3.37
CA SER B 142 -8.99 16.66 3.26
C SER B 142 -8.03 17.69 2.71
N GLY B 143 -6.82 17.71 3.26
CA GLY B 143 -5.83 18.68 2.83
C GLY B 143 -5.44 18.51 1.38
N ALA B 144 -5.23 17.27 0.96
CA ALA B 144 -4.86 17.01 -0.42
C ALA B 144 -6.00 17.41 -1.38
N LEU B 145 -7.23 17.11 -0.99
CA LEU B 145 -8.37 17.41 -1.85
C LEU B 145 -8.53 18.91 -1.99
N GLN B 146 -8.26 19.67 -0.93
CA GLN B 146 -8.30 21.13 -1.05
C GLN B 146 -7.26 21.63 -2.04
N THR B 147 -6.05 21.08 -2.05
CA THR B 147 -5.04 21.53 -3.04
C THR B 147 -5.55 21.27 -4.48
N TYR B 148 -6.23 20.16 -4.67
CA TYR B 148 -6.82 19.79 -5.95
C TYR B 148 -7.91 20.78 -6.36
N ALA B 149 -8.83 21.06 -5.45
CA ALA B 149 -9.93 21.98 -5.72
C ALA B 149 -9.43 23.39 -6.04
N ARG B 150 -8.25 23.74 -5.51
CA ARG B 150 -7.63 25.04 -5.76
C ARG B 150 -6.76 25.04 -7.00
N ASN B 151 -6.68 23.91 -7.67
CA ASN B 151 -5.91 23.77 -8.91
C ASN B 151 -4.43 24.07 -8.73
N GLN B 152 -3.88 23.63 -7.60
CA GLN B 152 -2.45 23.77 -7.33
C GLN B 152 -1.63 22.84 -8.23
N THR B 153 -0.71 23.44 -8.98
CA THR B 153 0.10 22.75 -9.98
C THR B 153 1.54 22.53 -9.53
N GLU B 154 1.93 23.15 -8.42
CA GLU B 154 3.26 22.94 -7.86
C GLU B 154 3.13 22.42 -6.44
N GLY B 155 4.21 21.82 -5.94
CA GLY B 155 4.25 21.34 -4.57
C GLY B 155 4.15 19.84 -4.46
N ALA B 156 3.99 19.37 -3.23
CA ALA B 156 4.12 17.96 -2.89
C ALA B 156 2.84 17.14 -3.07
N TYR B 157 1.72 17.82 -3.35
CA TYR B 157 0.46 17.18 -3.69
C TYR B 157 0.19 17.36 -5.17
N ILE B 158 0.17 16.25 -5.89
CA ILE B 158 0.16 16.27 -7.35
C ILE B 158 -1.25 16.23 -7.92
N TRP B 159 -1.61 17.31 -8.58
CA TRP B 159 -2.94 17.46 -9.16
C TRP B 159 -3.33 16.31 -10.06
N GLY B 160 -2.45 15.93 -10.98
CA GLY B 160 -2.75 14.84 -11.89
C GLY B 160 -2.88 13.47 -11.24
N ASP B 161 -2.20 13.27 -10.12
CA ASP B 161 -2.35 12.02 -9.38
C ASP B 161 -3.75 12.00 -8.74
N ILE B 162 -4.09 13.07 -8.05
CA ILE B 162 -5.41 13.19 -7.41
C ILE B 162 -6.54 13.03 -8.42
N ASP B 163 -6.38 13.66 -9.57
CA ASP B 163 -7.33 13.56 -10.66
C ASP B 163 -7.54 12.10 -11.02
N ALA B 164 -6.46 11.33 -11.13
CA ALA B 164 -6.58 9.93 -11.48
C ALA B 164 -7.25 9.09 -10.40
N TRP B 165 -7.03 9.42 -9.13
CA TRP B 165 -7.66 8.68 -8.06
C TRP B 165 -9.17 8.82 -8.17
N ILE B 166 -9.61 10.03 -8.48
CA ILE B 166 -11.04 10.27 -8.62
C ILE B 166 -11.61 9.60 -9.88
N LYS B 167 -10.92 9.76 -11.00
N LYS B 167 -10.95 9.75 -11.02
CA LYS B 167 -11.29 9.07 -12.24
CA LYS B 167 -11.38 9.03 -12.24
C LYS B 167 -11.47 7.57 -12.03
C LYS B 167 -11.51 7.54 -12.01
N ASN B 168 -10.57 6.95 -11.28
CA ASN B 168 -10.57 5.50 -11.11
C ASN B 168 -11.43 5.01 -9.99
N ASN B 169 -12.12 5.95 -9.33
CA ASN B 169 -13.13 5.61 -8.35
C ASN B 169 -12.60 4.66 -7.30
N LEU B 170 -11.53 5.08 -6.63
CA LEU B 170 -10.94 4.27 -5.58
C LEU B 170 -11.86 4.14 -4.39
N ASN B 171 -11.74 3.04 -3.68
N ASN B 171 -11.69 3.06 -3.64
CA ASN B 171 -12.50 2.80 -2.45
CA ASN B 171 -12.52 2.76 -2.46
C ASN B 171 -11.67 3.33 -1.31
C ASN B 171 -11.85 3.20 -1.15
N TRP B 172 -12.12 4.43 -0.72
CA TRP B 172 -11.39 5.05 0.38
C TRP B 172 -11.92 4.67 1.75
N ARG B 173 -11.01 4.46 2.68
CA ARG B 173 -11.36 4.33 4.09
C ARG B 173 -10.56 5.37 4.84
N THR B 174 -11.23 6.34 5.45
CA THR B 174 -10.49 7.38 6.17
C THR B 174 -10.35 6.99 7.64
N ILE B 175 -9.12 7.07 8.13
CA ILE B 175 -8.84 6.87 9.55
C ILE B 175 -9.14 8.17 10.27
N LYS B 176 -10.00 8.09 11.27
CA LYS B 176 -10.41 9.31 11.95
C LYS B 176 -9.30 9.82 12.85
N ARG B 177 -9.33 11.11 13.15
CA ARG B 177 -8.19 11.72 13.84
C ARG B 177 -7.97 11.14 15.24
N ASP B 178 -9.02 10.57 15.80
CA ASP B 178 -9.01 10.02 17.14
C ASP B 178 -8.87 8.48 17.15
N GLU B 179 -8.72 7.86 15.98
CA GLU B 179 -8.76 6.42 15.81
C GLU B 179 -7.33 5.89 15.73
N ASP B 180 -7.00 4.84 16.48
CA ASP B 180 -5.60 4.37 16.51
C ASP B 180 -5.55 2.86 16.65
N ASN B 181 -4.39 2.28 16.35
CA ASN B 181 -4.16 0.86 16.58
C ASN B 181 -5.24 0.02 15.93
N ILE B 182 -5.38 0.23 14.63
CA ILE B 182 -6.42 -0.40 13.84
C ILE B 182 -5.92 -1.71 13.26
N VAL B 183 -6.45 -2.82 13.76
CA VAL B 183 -6.03 -4.12 13.28
C VAL B 183 -6.66 -4.42 11.91
N LEU B 184 -5.82 -4.73 10.93
CA LEU B 184 -6.29 -5.05 9.60
C LEU B 184 -6.30 -6.54 9.34
N ALA B 185 -5.42 -7.25 10.02
CA ALA B 185 -5.25 -8.68 9.78
C ALA B 185 -4.35 -9.17 10.88
N GLU B 186 -4.22 -10.47 11.05
CA GLU B 186 -3.40 -10.98 12.14
C GLU B 186 -1.98 -10.42 12.05
N GLY B 187 -1.58 -9.71 13.09
CA GLY B 187 -0.24 -9.15 13.15
C GLY B 187 0.00 -7.93 12.28
N ILE B 188 -1.08 -7.31 11.77
CA ILE B 188 -0.98 -6.07 10.99
C ILE B 188 -1.86 -4.98 11.59
N LYS B 189 -1.24 -3.91 12.09
CA LYS B 189 -1.97 -2.87 12.82
C LYS B 189 -1.56 -1.49 12.30
N ILE B 190 -2.54 -0.67 11.96
CA ILE B 190 -2.29 0.70 11.53
C ILE B 190 -2.04 1.56 12.76
N LEU B 191 -0.99 2.38 12.69
CA LEU B 191 -0.63 3.34 13.73
C LEU B 191 -0.95 4.72 13.25
N ASN B 192 -1.75 5.44 14.03
CA ASN B 192 -2.12 6.80 13.66
C ASN B 192 -1.21 7.79 14.39
N PHE B 193 -0.31 8.42 13.65
CA PHE B 193 0.63 9.39 14.21
C PHE B 193 0.08 10.82 14.19
N GLY B 194 -0.96 11.06 13.40
CA GLY B 194 -1.60 12.36 13.36
C GLY B 194 -0.74 13.41 12.65
N SER B 195 -0.91 14.67 13.01
CA SER B 195 -0.22 15.76 12.34
C SER B 195 1.24 15.89 12.78
N GLY B 196 2.08 16.27 11.84
CA GLY B 196 3.50 16.38 12.10
C GLY B 196 4.18 16.76 10.80
N HIS B 197 4.79 15.77 10.15
CA HIS B 197 5.35 15.95 8.81
C HIS B 197 4.31 16.50 7.82
N ALA B 198 3.10 15.97 7.89
CA ALA B 198 2.02 16.39 7.03
C ALA B 198 0.75 16.48 7.89
N TRP B 199 -0.41 16.61 7.26
CA TRP B 199 -1.66 16.80 8.01
C TRP B 199 -2.03 15.58 8.84
N GLY B 200 -1.73 14.40 8.30
CA GLY B 200 -2.14 13.16 8.96
C GLY B 200 -1.31 11.98 8.48
N MET B 201 -0.46 11.49 9.37
CA MET B 201 0.50 10.43 9.06
C MET B 201 0.03 9.09 9.64
N LEU B 202 0.08 8.04 8.81
CA LEU B 202 -0.15 6.68 9.26
C LEU B 202 1.13 5.87 9.11
N GLY B 203 1.32 4.98 10.06
CA GLY B 203 2.39 4.00 10.03
C GLY B 203 1.78 2.62 10.12
N LEU B 204 2.65 1.61 10.09
CA LEU B 204 2.16 0.25 10.19
C LEU B 204 3.04 -0.55 11.11
N HIS B 205 2.43 -1.35 11.98
CA HIS B 205 3.18 -2.31 12.73
C HIS B 205 2.91 -3.69 12.15
N VAL B 206 3.99 -4.41 11.85
CA VAL B 206 3.91 -5.74 11.26
C VAL B 206 4.59 -6.70 12.20
N GLN B 207 3.89 -7.77 12.59
CA GLN B 207 4.50 -8.82 13.38
C GLN B 207 4.72 -10.05 12.47
N LEU B 208 5.97 -10.38 12.20
CA LEU B 208 6.27 -11.55 11.38
C LEU B 208 6.73 -12.70 12.29
N PRO B 209 6.34 -13.93 11.97
CA PRO B 209 6.75 -15.09 12.78
C PRO B 209 8.24 -15.18 13.12
N GLU B 210 9.11 -14.95 12.15
N GLU B 210 9.12 -14.99 12.13
CA GLU B 210 10.55 -15.10 12.38
CA GLU B 210 10.56 -15.09 12.38
C GLU B 210 11.24 -13.77 12.69
C GLU B 210 11.20 -13.75 12.72
N LYS B 211 11.01 -12.77 11.84
CA LYS B 211 11.65 -11.47 11.99
C LYS B 211 11.18 -10.71 13.24
N GLY B 212 9.96 -10.98 13.68
CA GLY B 212 9.40 -10.23 14.81
C GLY B 212 8.73 -8.93 14.35
N GLY B 213 8.86 -7.88 15.16
CA GLY B 213 8.12 -6.63 14.96
C GLY B 213 8.89 -5.61 14.13
N ILE B 214 8.15 -4.97 13.23
CA ILE B 214 8.66 -3.93 12.36
C ILE B 214 7.66 -2.79 12.38
N ILE B 215 8.16 -1.58 12.53
CA ILE B 215 7.35 -0.37 12.43
C ILE B 215 7.73 0.34 11.15
N LEU B 216 6.76 0.48 10.26
CA LEU B 216 6.96 1.25 9.05
C LEU B 216 6.55 2.67 9.40
N ALA B 217 7.54 3.55 9.53
CA ALA B 217 7.32 4.92 9.95
C ALA B 217 7.05 5.91 8.84
N SER B 218 7.47 5.56 7.62
CA SER B 218 7.42 6.49 6.50
C SER B 218 8.03 7.84 6.92
N ASP B 219 7.45 8.92 6.46
CA ASP B 219 8.04 10.26 6.68
C ASP B 219 7.81 10.82 8.07
N ALA B 220 7.17 10.07 8.98
CA ALA B 220 7.19 10.46 10.38
C ALA B 220 8.64 10.46 10.90
N VAL B 221 9.49 9.63 10.29
CA VAL B 221 10.93 9.66 10.60
C VAL B 221 11.71 9.42 9.32
N TYR B 222 12.31 10.47 8.75
CA TYR B 222 12.99 10.33 7.47
C TYR B 222 14.19 9.37 7.52
N SER B 223 14.96 9.47 8.60
CA SER B 223 16.26 8.79 8.69
C SER B 223 16.72 8.58 10.12
N ALA B 224 17.76 7.79 10.29
CA ALA B 224 18.32 7.56 11.60
C ALA B 224 18.79 8.89 12.23
N GLU B 225 19.30 9.79 11.40
CA GLU B 225 19.74 11.11 11.87
C GLU B 225 18.55 11.91 12.43
N SER B 226 17.40 11.83 11.75
CA SER B 226 16.15 12.44 12.23
C SER B 226 15.78 11.90 13.59
N TYR B 227 15.92 10.59 13.73
CA TYR B 227 15.39 9.81 14.87
C TYR B 227 16.20 10.10 16.12
N GLY B 228 17.50 10.23 15.95
CA GLY B 228 18.41 10.57 17.06
C GLY B 228 18.51 9.45 18.09
N PRO B 229 18.71 9.82 19.35
CA PRO B 229 18.68 11.21 19.80
C PRO B 229 19.99 11.97 19.48
N PRO B 230 19.96 13.30 19.45
CA PRO B 230 18.73 14.07 19.61
C PRO B 230 17.87 14.04 18.35
N ILE B 231 16.57 14.26 18.51
CA ILE B 231 15.68 14.37 17.38
C ILE B 231 16.01 15.61 16.54
N LYS B 232 16.09 15.42 15.22
CA LYS B 232 16.40 16.51 14.31
C LYS B 232 15.28 16.60 13.29
N PRO B 233 14.49 17.69 13.35
CA PRO B 233 13.33 17.82 12.49
C PRO B 233 13.70 18.24 11.09
N PRO B 234 12.80 18.01 10.14
CA PRO B 234 13.01 18.36 8.75
C PRO B 234 12.83 19.85 8.51
N GLY B 235 13.33 20.33 7.37
CA GLY B 235 13.44 21.76 7.10
C GLY B 235 12.11 22.43 6.90
N ILE B 236 11.18 21.71 6.31
CA ILE B 236 9.82 22.17 6.23
C ILE B 236 8.96 21.17 7.01
N ILE B 237 8.13 21.71 7.88
CA ILE B 237 7.36 20.89 8.77
C ILE B 237 5.99 21.52 8.92
N TYR B 238 4.91 20.73 8.84
CA TYR B 238 3.57 21.28 9.03
C TYR B 238 3.38 21.62 10.51
N ASP B 239 3.59 20.63 11.38
CA ASP B 239 3.29 20.71 12.81
C ASP B 239 4.53 20.25 13.57
N SER B 240 5.38 21.19 13.97
CA SER B 240 6.64 20.85 14.62
C SER B 240 6.43 20.13 15.96
N LEU B 241 5.47 20.58 16.77
CA LEU B 241 5.23 19.90 18.05
C LEU B 241 4.70 18.49 17.84
N GLY B 242 3.81 18.33 16.87
CA GLY B 242 3.25 17.02 16.52
C GLY B 242 4.33 16.10 15.98
N PHE B 243 5.24 16.65 15.19
CA PHE B 243 6.37 15.86 14.69
C PHE B 243 7.18 15.24 15.83
N VAL B 244 7.54 16.06 16.81
CA VAL B 244 8.29 15.56 17.97
C VAL B 244 7.47 14.54 18.74
N ARG B 245 6.20 14.83 18.98
CA ARG B 245 5.37 13.87 19.71
C ARG B 245 5.31 12.52 18.99
N SER B 246 5.22 12.55 17.67
CA SER B 246 5.13 11.34 16.87
C SER B 246 6.41 10.54 16.92
N VAL B 247 7.56 11.21 16.89
CA VAL B 247 8.81 10.48 17.01
C VAL B 247 8.88 9.84 18.39
N GLU B 248 8.45 10.56 19.42
CA GLU B 248 8.48 10.01 20.77
C GLU B 248 7.55 8.79 20.88
N LYS B 249 6.38 8.87 20.25
CA LYS B 249 5.42 7.77 20.23
C LYS B 249 6.04 6.54 19.57
N ILE B 250 6.67 6.75 18.42
CA ILE B 250 7.33 5.63 17.72
C ILE B 250 8.40 4.98 18.59
N LYS B 251 9.23 5.79 19.25
CA LYS B 251 10.25 5.25 20.16
C LYS B 251 9.61 4.41 21.26
N ARG B 252 8.47 4.88 21.77
CA ARG B 252 7.79 4.19 22.87
C ARG B 252 7.23 2.83 22.39
N ILE B 253 6.58 2.84 21.23
CA ILE B 253 6.01 1.62 20.69
C ILE B 253 7.14 0.63 20.34
N ALA B 254 8.23 1.14 19.78
CA ALA B 254 9.35 0.29 19.41
C ALA B 254 9.92 -0.42 20.62
N LYS B 255 10.04 0.29 21.75
CA LYS B 255 10.63 -0.32 22.93
C LYS B 255 9.66 -1.32 23.55
N GLU B 256 8.41 -0.93 23.70
N GLU B 256 8.39 -0.96 23.69
CA GLU B 256 7.41 -1.80 24.32
CA GLU B 256 7.42 -1.82 24.35
C GLU B 256 7.22 -3.10 23.55
C GLU B 256 7.10 -3.08 23.55
N THR B 257 7.32 -3.04 22.23
CA THR B 257 7.06 -4.20 21.36
C THR B 257 8.32 -4.84 20.79
N ASN B 258 9.49 -4.30 21.14
CA ASN B 258 10.78 -4.76 20.61
C ASN B 258 10.80 -4.83 19.09
N SER B 259 10.40 -3.74 18.44
CA SER B 259 10.33 -3.65 17.00
C SER B 259 11.44 -2.81 16.44
N GLU B 260 11.85 -3.16 15.23
CA GLU B 260 12.73 -2.37 14.40
C GLU B 260 11.93 -1.27 13.78
N VAL B 261 12.51 -0.09 13.67
CA VAL B 261 11.85 1.03 12.98
C VAL B 261 12.46 1.24 11.61
N TRP B 262 11.62 1.15 10.57
CA TRP B 262 12.06 1.35 9.22
C TRP B 262 11.68 2.75 8.79
N PHE B 263 12.70 3.55 8.47
CA PHE B 263 12.52 4.96 8.18
C PHE B 263 12.02 5.20 6.75
N GLY B 264 11.50 6.41 6.49
CA GLY B 264 10.98 6.76 5.19
C GLY B 264 12.02 6.73 4.08
N HIS B 265 13.19 7.30 4.34
CA HIS B 265 14.13 7.59 3.27
C HIS B 265 15.60 7.55 3.75
N ASP B 266 15.98 6.48 4.44
N ASP B 266 15.98 6.46 4.41
CA ASP B 266 17.34 6.37 4.95
CA ASP B 266 17.34 6.35 4.97
C ASP B 266 18.20 5.53 4.02
C ASP B 266 18.23 5.52 4.05
N SER B 267 19.15 6.18 3.36
CA SER B 267 20.00 5.51 2.38
C SER B 267 20.74 4.31 2.93
N GLU B 268 21.37 4.49 4.09
CA GLU B 268 22.16 3.43 4.70
C GLU B 268 21.30 2.27 5.18
N GLN B 269 20.15 2.57 5.78
CA GLN B 269 19.27 1.50 6.22
C GLN B 269 18.73 0.73 5.03
N PHE B 270 18.38 1.46 3.97
CA PHE B 270 17.80 0.84 2.81
C PHE B 270 18.77 -0.16 2.18
N LYS B 271 20.07 0.14 2.25
CA LYS B 271 21.08 -0.77 1.69
C LYS B 271 21.06 -2.10 2.39
N ARG B 272 20.71 -2.09 3.68
CA ARG B 272 20.70 -3.31 4.48
C ARG B 272 19.49 -4.19 4.20
N PHE B 273 18.37 -3.62 3.78
CA PHE B 273 17.18 -4.43 3.50
C PHE B 273 17.46 -5.45 2.41
N ARG B 274 16.87 -6.63 2.58
CA ARG B 274 16.74 -7.58 1.51
C ARG B 274 15.59 -7.12 0.61
N LYS B 275 15.88 -6.83 -0.65
CA LYS B 275 14.93 -6.27 -1.58
C LYS B 275 14.24 -7.40 -2.34
N SER B 276 13.19 -7.03 -3.07
CA SER B 276 12.32 -8.01 -3.72
C SER B 276 13.00 -8.78 -4.86
N THR B 277 14.13 -8.29 -5.34
CA THR B 277 14.94 -9.01 -6.32
C THR B 277 15.74 -10.13 -5.69
N GLU B 278 15.82 -10.17 -4.36
CA GLU B 278 16.58 -11.17 -3.61
C GLU B 278 15.73 -12.04 -2.67
N GLY B 279 14.60 -11.52 -2.23
CA GLY B 279 13.75 -12.29 -1.36
C GLY B 279 12.81 -11.44 -0.53
N TYR B 280 12.66 -11.84 0.72
CA TYR B 280 11.54 -11.42 1.55
C TYR B 280 11.83 -11.70 3.01
N TYR B 281 10.98 -11.18 3.88
CA TYR B 281 11.08 -11.44 5.28
C TYR B 281 9.92 -12.32 5.70
N GLU B 282 10.22 -13.35 6.48
N GLU B 282 10.24 -13.37 6.45
CA GLU B 282 9.17 -14.22 7.04
CA GLU B 282 9.21 -14.18 7.09
C GLU B 282 9.13 -14.09 8.56
C GLU B 282 9.17 -13.84 8.57
N GLN C 8 -25.60 54.75 1.42
CA GLN C 8 -24.65 53.60 1.57
C GLN C 8 -25.24 52.33 0.91
N PRO C 9 -25.17 51.16 1.56
CA PRO C 9 -25.47 49.96 0.76
C PRO C 9 -26.95 49.73 0.42
N LYS C 10 -27.20 48.98 -0.66
CA LYS C 10 -28.54 48.48 -0.96
C LYS C 10 -28.55 46.96 -0.83
N LEU C 11 -29.62 46.40 -0.28
CA LEU C 11 -29.73 44.95 -0.12
C LEU C 11 -30.93 44.42 -0.89
N TYR C 12 -30.70 43.40 -1.70
CA TYR C 12 -31.75 42.81 -2.53
C TYR C 12 -31.99 41.36 -2.21
N VAL C 13 -33.27 40.98 -2.16
CA VAL C 13 -33.67 39.60 -1.94
C VAL C 13 -34.10 39.01 -3.27
N MET C 14 -33.38 37.98 -3.73
CA MET C 14 -33.72 37.37 -5.02
C MET C 14 -34.39 36.03 -4.86
N ASP C 15 -35.52 35.92 -5.53
CA ASP C 15 -36.37 34.75 -5.46
C ASP C 15 -35.89 33.72 -6.46
N ASN C 16 -35.39 32.59 -5.96
CA ASN C 16 -34.81 31.57 -6.84
C ASN C 16 -35.66 30.31 -6.92
N GLY C 17 -36.97 30.47 -6.75
CA GLY C 17 -37.89 29.38 -6.92
C GLY C 17 -38.26 28.65 -5.64
N ARG C 18 -38.78 27.44 -5.80
CA ARG C 18 -39.38 26.69 -4.71
C ARG C 18 -38.97 25.24 -4.73
N MET C 19 -38.86 24.66 -3.53
CA MET C 19 -38.54 23.26 -3.41
C MET C 19 -39.63 22.65 -2.57
N ARG C 20 -39.85 21.35 -2.75
CA ARG C 20 -40.76 20.59 -1.90
C ARG C 20 -40.01 19.42 -1.27
N MET C 21 -40.48 19.00 -0.09
CA MET C 21 -39.90 17.84 0.59
C MET C 21 -40.75 17.40 1.78
N ASP C 22 -40.48 16.19 2.28
CA ASP C 22 -41.13 15.66 3.47
C ASP C 22 -40.96 16.66 4.60
N LYS C 23 -42.06 17.04 5.25
CA LYS C 23 -41.97 17.99 6.34
C LYS C 23 -41.02 17.53 7.46
N ASN C 24 -40.87 16.20 7.63
CA ASN C 24 -39.96 15.64 8.65
C ASN C 24 -38.50 16.05 8.44
N TRP C 25 -38.11 16.32 7.19
CA TRP C 25 -36.77 16.84 6.93
C TRP C 25 -36.60 18.22 7.60
N MET C 26 -37.65 19.04 7.58
CA MET C 26 -37.59 20.38 8.15
C MET C 26 -37.81 20.40 9.66
N ILE C 27 -38.83 19.68 10.12
CA ILE C 27 -39.16 19.57 11.55
C ILE C 27 -39.22 18.11 11.93
N ALA C 28 -38.18 17.62 12.61
CA ALA C 28 -38.11 16.20 12.95
C ALA C 28 -39.30 15.77 13.78
N MET C 29 -39.82 14.60 13.47
CA MET C 29 -40.94 13.99 14.20
C MET C 29 -42.09 14.98 14.43
N HIS C 30 -42.44 15.71 13.37
CA HIS C 30 -43.48 16.73 13.49
C HIS C 30 -44.86 16.17 13.82
N ASN C 31 -45.14 14.93 13.44
CA ASN C 31 -46.47 14.34 13.63
C ASN C 31 -46.37 12.86 13.92
N PRO C 32 -45.87 12.50 15.12
CA PRO C 32 -45.59 11.10 15.41
C PRO C 32 -46.84 10.23 15.42
N ALA C 33 -46.68 9.00 14.99
CA ALA C 33 -47.74 8.01 15.09
C ALA C 33 -48.17 7.81 16.53
N THR C 34 -49.46 7.50 16.71
CA THR C 34 -50.04 7.23 18.01
C THR C 34 -50.89 5.99 17.88
N ILE C 35 -51.40 5.46 18.98
CA ILE C 35 -52.26 4.27 18.85
C ILE C 35 -53.54 4.62 18.08
N ALA C 36 -54.04 5.83 18.23
CA ALA C 36 -55.24 6.26 17.48
C ALA C 36 -54.94 6.51 16.00
N ASN C 37 -53.66 6.73 15.68
CA ASN C 37 -53.22 7.15 14.36
C ASN C 37 -51.88 6.47 14.03
N PRO C 38 -51.87 5.12 13.98
CA PRO C 38 -50.66 4.30 13.82
C PRO C 38 -49.91 4.46 12.51
N ASN C 39 -50.63 4.87 11.47
CA ASN C 39 -50.04 5.03 10.17
C ASN C 39 -50.07 6.49 9.76
N ALA C 40 -49.76 7.36 10.73
CA ALA C 40 -49.70 8.80 10.54
C ALA C 40 -49.03 9.22 9.24
N PRO C 41 -49.75 9.94 8.39
CA PRO C 41 -49.14 10.40 7.17
C PRO C 41 -48.32 11.66 7.40
N THR C 42 -47.28 11.85 6.60
CA THR C 42 -46.54 13.10 6.62
C THR C 42 -47.12 14.00 5.53
N GLU C 43 -46.45 15.10 5.26
CA GLU C 43 -46.86 15.98 4.17
C GLU C 43 -45.65 16.48 3.39
N PHE C 44 -45.89 16.90 2.15
CA PHE C 44 -44.85 17.33 1.24
C PHE C 44 -44.96 18.84 1.16
N ILE C 45 -44.16 19.54 1.94
CA ILE C 45 -44.29 20.98 2.10
C ILE C 45 -43.50 21.70 1.03
N GLU C 46 -43.86 22.94 0.80
CA GLU C 46 -43.18 23.77 -0.17
C GLU C 46 -42.53 24.98 0.49
N PHE C 47 -41.33 25.32 0.03
CA PHE C 47 -40.57 26.41 0.62
C PHE C 47 -39.68 27.17 -0.38
N PRO C 48 -39.27 28.39 -0.04
CA PRO C 48 -38.50 29.18 -0.98
C PRO C 48 -37.00 28.92 -0.93
N ILE C 49 -36.38 29.00 -2.11
CA ILE C 49 -34.94 29.07 -2.27
C ILE C 49 -34.62 30.51 -2.64
N TYR C 50 -33.73 31.15 -1.90
CA TYR C 50 -33.39 32.53 -2.16
C TYR C 50 -31.95 32.89 -1.87
N THR C 51 -31.58 34.05 -2.40
CA THR C 51 -30.24 34.58 -2.27
C THR C 51 -30.33 36.06 -1.94
N VAL C 52 -29.24 36.61 -1.43
CA VAL C 52 -29.23 38.01 -1.03
C VAL C 52 -28.00 38.70 -1.59
N LEU C 53 -28.22 39.83 -2.28
CA LEU C 53 -27.13 40.65 -2.79
C LEU C 53 -27.03 41.91 -1.97
N ILE C 54 -25.83 42.19 -1.47
CA ILE C 54 -25.59 43.47 -0.83
C ILE C 54 -24.74 44.31 -1.77
N ASP C 55 -25.33 45.35 -2.36
CA ASP C 55 -24.58 46.30 -3.16
C ASP C 55 -23.92 47.33 -2.25
N HIS C 56 -22.68 47.05 -1.88
CA HIS C 56 -21.94 47.84 -0.91
C HIS C 56 -20.83 48.62 -1.65
N PRO C 57 -20.50 49.84 -1.19
CA PRO C 57 -19.48 50.67 -1.84
C PRO C 57 -18.10 50.00 -1.97
N GLU C 58 -17.71 49.22 -0.98
CA GLU C 58 -16.44 48.48 -1.00
C GLU C 58 -16.43 47.25 -1.91
N GLY C 59 -17.59 46.87 -2.44
CA GLY C 59 -17.68 45.73 -3.37
C GLY C 59 -18.95 44.94 -3.12
N LYS C 60 -19.52 44.39 -4.17
CA LYS C 60 -20.76 43.65 -4.07
C LYS C 60 -20.52 42.30 -3.38
N ILE C 61 -21.45 41.94 -2.51
CA ILE C 61 -21.37 40.70 -1.73
C ILE C 61 -22.64 39.89 -1.95
N LEU C 62 -22.47 38.62 -2.31
CA LEU C 62 -23.59 37.73 -2.56
C LEU C 62 -23.64 36.64 -1.49
N PHE C 63 -24.77 36.52 -0.81
CA PHE C 63 -24.97 35.48 0.21
C PHE C 63 -25.80 34.37 -0.39
N ASP C 64 -25.16 33.21 -0.54
CA ASP C 64 -25.75 32.01 -1.17
C ASP C 64 -25.96 32.16 -2.67
N THR C 65 -26.24 31.06 -3.36
CA THR C 65 -26.32 31.09 -4.82
C THR C 65 -27.41 30.20 -5.42
N SER C 66 -28.30 29.68 -4.59
CA SER C 66 -29.42 28.83 -5.04
C SER C 66 -29.03 27.50 -5.72
N CYS C 67 -29.86 27.01 -6.64
CA CYS C 67 -29.64 25.72 -7.31
C CYS C 67 -29.13 25.99 -8.71
N ASN C 68 -28.39 25.05 -9.28
CA ASN C 68 -27.92 25.27 -10.66
C ASN C 68 -29.09 25.06 -11.65
N PRO C 69 -29.16 25.89 -12.70
CA PRO C 69 -30.21 25.66 -13.69
C PRO C 69 -30.26 24.24 -14.25
N ASP C 70 -29.13 23.54 -14.26
CA ASP C 70 -29.08 22.16 -14.79
C ASP C 70 -29.29 21.06 -13.74
N SER C 71 -29.93 21.39 -12.63
CA SER C 71 -30.10 20.45 -11.54
C SER C 71 -31.09 19.33 -11.86
N MET C 72 -32.28 19.70 -12.34
CA MET C 72 -33.39 18.77 -12.49
C MET C 72 -33.45 18.18 -13.91
N GLY C 73 -34.12 17.02 -14.02
CA GLY C 73 -34.38 16.39 -15.31
C GLY C 73 -33.60 15.10 -15.51
N ALA C 74 -33.93 14.36 -16.56
CA ALA C 74 -33.30 13.07 -16.81
C ALA C 74 -31.80 13.22 -16.98
N GLN C 75 -31.40 14.33 -17.58
CA GLN C 75 -30.01 14.67 -17.84
C GLN C 75 -29.46 15.63 -16.78
N GLY C 76 -30.20 15.81 -15.68
CA GLY C 76 -29.82 16.78 -14.65
C GLY C 76 -28.68 16.32 -13.77
N ARG C 77 -28.04 17.27 -13.09
CA ARG C 77 -26.93 16.97 -12.18
C ARG C 77 -27.38 16.28 -10.89
N TRP C 78 -28.59 16.59 -10.42
CA TRP C 78 -29.06 15.95 -9.20
C TRP C 78 -29.42 14.50 -9.48
N GLY C 79 -29.12 13.62 -8.52
CA GLY C 79 -29.47 12.21 -8.65
C GLY C 79 -30.97 12.01 -8.68
N GLU C 80 -31.44 10.92 -9.30
N GLU C 80 -31.38 10.89 -9.29
CA GLU C 80 -32.89 10.75 -9.46
CA GLU C 80 -32.79 10.56 -9.47
C GLU C 80 -33.62 10.54 -8.12
C GLU C 80 -33.55 10.57 -8.15
N ALA C 81 -32.98 9.93 -7.13
CA ALA C 81 -33.65 9.81 -5.82
C ALA C 81 -33.74 11.18 -5.16
N THR C 82 -32.68 11.96 -5.29
CA THR C 82 -32.64 13.33 -4.79
C THR C 82 -33.72 14.22 -5.45
N GLN C 83 -33.89 14.12 -6.76
CA GLN C 83 -34.92 14.89 -7.46
C GLN C 83 -36.31 14.50 -7.01
N SER C 84 -36.51 13.22 -6.68
CA SER C 84 -37.83 12.75 -6.28
C SER C 84 -38.17 13.19 -4.85
N MET C 85 -37.15 13.37 -4.02
CA MET C 85 -37.38 13.76 -2.62
C MET C 85 -37.32 15.27 -2.37
N PHE C 86 -36.58 16.00 -3.20
CA PHE C 86 -36.34 17.44 -3.03
C PHE C 86 -36.52 18.20 -4.35
N PRO C 87 -37.65 17.98 -5.04
CA PRO C 87 -37.83 18.61 -6.34
C PRO C 87 -37.81 20.13 -6.29
N TRP C 88 -37.00 20.74 -7.17
CA TRP C 88 -36.91 22.19 -7.32
C TRP C 88 -37.68 22.65 -8.56
N THR C 89 -38.62 23.57 -8.37
N THR C 89 -38.60 23.59 -8.33
CA THR C 89 -39.34 24.17 -9.49
CA THR C 89 -39.37 24.23 -9.41
C THR C 89 -39.01 25.66 -9.59
C THR C 89 -38.94 25.68 -9.57
N ALA C 90 -38.60 26.08 -10.79
CA ALA C 90 -38.19 27.44 -11.03
C ALA C 90 -38.34 27.77 -12.51
N SER C 91 -38.98 28.90 -12.79
CA SER C 91 -39.02 29.47 -14.13
C SER C 91 -37.70 30.15 -14.44
N GLU C 92 -37.46 30.41 -15.73
CA GLU C 92 -36.22 31.03 -16.17
C GLU C 92 -35.89 32.31 -15.41
N GLU C 93 -36.90 33.12 -15.12
CA GLU C 93 -36.64 34.38 -14.44
C GLU C 93 -36.15 34.18 -12.99
N CYS C 94 -36.37 32.99 -12.44
CA CYS C 94 -35.91 32.66 -11.09
C CYS C 94 -34.42 32.29 -11.04
N TYR C 95 -33.82 31.95 -12.18
CA TYR C 95 -32.40 31.57 -12.14
C TYR C 95 -31.56 32.74 -11.69
N LEU C 96 -30.55 32.46 -10.87
CA LEU C 96 -29.75 33.51 -10.30
C LEU C 96 -29.13 34.40 -11.39
N HIS C 97 -28.64 33.81 -12.48
CA HIS C 97 -28.00 34.60 -13.54
C HIS C 97 -29.00 35.60 -14.13
N ASN C 98 -30.27 35.20 -14.19
CA ASN C 98 -31.31 36.11 -14.70
C ASN C 98 -31.72 37.15 -13.66
N ARG C 99 -31.79 36.75 -12.39
CA ARG C 99 -32.11 37.72 -11.33
C ARG C 99 -31.07 38.82 -11.26
N LEU C 100 -29.80 38.46 -11.41
CA LEU C 100 -28.74 39.45 -11.37
C LEU C 100 -28.75 40.34 -12.63
N GLU C 101 -29.05 39.74 -13.78
CA GLU C 101 -29.12 40.50 -15.03
C GLU C 101 -30.18 41.61 -14.94
N GLN C 102 -31.34 41.27 -14.38
CA GLN C 102 -32.40 42.26 -14.15
C GLN C 102 -31.98 43.39 -13.21
N LEU C 103 -31.01 43.14 -12.33
CA LEU C 103 -30.50 44.20 -11.46
C LEU C 103 -29.32 44.92 -12.08
N LYS C 104 -28.95 44.53 -13.30
CA LYS C 104 -27.81 45.14 -14.00
C LYS C 104 -26.50 44.97 -13.22
N VAL C 105 -26.35 43.79 -12.63
CA VAL C 105 -25.14 43.41 -11.91
C VAL C 105 -24.43 42.31 -12.69
N ARG C 106 -23.17 42.56 -13.05
CA ARG C 106 -22.35 41.56 -13.71
C ARG C 106 -21.82 40.57 -12.67
N PRO C 107 -21.92 39.26 -12.94
CA PRO C 107 -21.31 38.25 -12.07
C PRO C 107 -19.83 38.53 -11.82
N GLU C 108 -19.12 38.97 -12.86
N GLU C 108 -19.12 38.97 -12.86
CA GLU C 108 -17.73 39.36 -12.72
CA GLU C 108 -17.74 39.35 -12.71
C GLU C 108 -17.56 40.48 -11.69
C GLU C 108 -17.55 40.49 -11.71
N ASP C 109 -18.64 41.20 -11.40
CA ASP C 109 -18.58 42.32 -10.43
C ASP C 109 -18.83 41.95 -8.96
N ILE C 110 -19.13 40.68 -8.70
CA ILE C 110 -19.30 40.20 -7.33
C ILE C 110 -17.91 40.02 -6.74
N LYS C 111 -17.64 40.69 -5.64
CA LYS C 111 -16.34 40.65 -5.00
C LYS C 111 -16.21 39.42 -4.09
N PHE C 112 -17.24 39.22 -3.27
CA PHE C 112 -17.29 38.10 -2.31
C PHE C 112 -18.59 37.34 -2.48
N VAL C 113 -18.50 36.00 -2.50
CA VAL C 113 -19.67 35.16 -2.41
C VAL C 113 -19.58 34.35 -1.14
N ILE C 114 -20.58 34.47 -0.27
CA ILE C 114 -20.59 33.69 0.97
C ILE C 114 -21.38 32.41 0.79
N ALA C 115 -20.69 31.27 0.87
CA ALA C 115 -21.37 29.99 0.82
C ALA C 115 -21.73 29.56 2.25
N SER C 116 -22.99 29.73 2.63
CA SER C 116 -23.41 29.45 3.98
C SER C 116 -23.05 27.99 4.30
N HIS C 117 -23.27 27.15 3.30
CA HIS C 117 -22.79 25.78 3.31
C HIS C 117 -22.86 25.29 1.87
N LEU C 118 -22.55 24.02 1.62
CA LEU C 118 -22.36 23.56 0.24
C LEU C 118 -23.46 22.64 -0.26
N HIS C 119 -24.61 22.70 0.39
CA HIS C 119 -25.76 21.94 -0.03
C HIS C 119 -26.26 22.43 -1.41
N LEU C 120 -26.96 21.52 -2.07
CA LEU C 120 -27.44 21.67 -3.45
C LEU C 120 -28.20 22.96 -3.74
N ASP C 121 -28.89 23.48 -2.73
CA ASP C 121 -29.76 24.65 -2.89
C ASP C 121 -29.13 25.95 -2.42
N HIS C 122 -27.84 25.93 -2.09
CA HIS C 122 -27.12 27.13 -1.67
C HIS C 122 -25.84 27.35 -2.46
N ALA C 123 -25.25 26.26 -2.97
CA ALA C 123 -23.98 26.35 -3.68
C ALA C 123 -24.13 26.03 -5.17
N GLY C 124 -25.37 25.96 -5.63
CA GLY C 124 -25.68 25.57 -7.00
C GLY C 124 -25.02 26.40 -8.08
N CYS C 125 -24.82 27.70 -7.84
CA CYS C 125 -24.29 28.58 -8.89
C CYS C 125 -22.94 29.20 -8.56
N LEU C 126 -22.19 28.60 -7.63
CA LEU C 126 -20.85 29.10 -7.34
C LEU C 126 -20.02 29.24 -8.64
N GLU C 127 -20.23 28.34 -9.57
CA GLU C 127 -19.38 28.27 -10.79
C GLU C 127 -19.48 29.54 -11.65
N MET C 128 -20.58 30.27 -11.51
CA MET C 128 -20.73 31.57 -12.20
C MET C 128 -19.70 32.61 -11.79
N PHE C 129 -19.14 32.50 -10.60
CA PHE C 129 -18.38 33.58 -10.01
C PHE C 129 -16.89 33.35 -10.01
N THR C 130 -16.33 33.44 -11.22
CA THR C 130 -14.95 33.12 -11.46
C THR C 130 -14.04 34.29 -11.15
N ASN C 131 -14.63 35.41 -10.75
CA ASN C 131 -13.86 36.57 -10.37
C ASN C 131 -13.94 36.92 -8.89
N ALA C 132 -14.87 36.29 -8.18
CA ALA C 132 -15.07 36.58 -6.77
C ALA C 132 -14.16 35.73 -5.88
N THR C 133 -14.05 36.13 -4.62
CA THR C 133 -13.51 35.24 -3.59
C THR C 133 -14.70 34.49 -2.99
N ILE C 134 -14.63 33.16 -3.03
CA ILE C 134 -15.71 32.32 -2.53
C ILE C 134 -15.39 31.96 -1.08
N ILE C 135 -16.25 32.36 -0.16
CA ILE C 135 -15.97 32.21 1.28
C ILE C 135 -16.80 31.04 1.81
N VAL C 136 -16.13 30.10 2.48
CA VAL C 136 -16.76 28.86 2.90
C VAL C 136 -16.07 28.36 4.18
N HIS C 137 -16.80 27.63 5.00
CA HIS C 137 -16.20 27.05 6.19
C HIS C 137 -15.24 25.92 5.78
N GLU C 138 -14.05 25.89 6.36
CA GLU C 138 -13.03 24.90 5.97
C GLU C 138 -13.50 23.46 6.10
N ASP C 139 -14.28 23.14 7.13
CA ASP C 139 -14.75 21.78 7.32
C ASP C 139 -15.90 21.41 6.37
N GLU C 140 -16.70 22.41 5.97
CA GLU C 140 -17.73 22.20 4.96
C GLU C 140 -17.06 21.90 3.61
N PHE C 141 -16.01 22.66 3.29
CA PHE C 141 -15.25 22.48 2.06
C PHE C 141 -14.66 21.08 2.02
N SER C 142 -13.97 20.71 3.10
CA SER C 142 -13.38 19.37 3.18
C SER C 142 -14.41 18.27 2.98
N GLY C 143 -15.54 18.37 3.69
CA GLY C 143 -16.54 17.36 3.61
C GLY C 143 -17.12 17.21 2.23
N ALA C 144 -17.42 18.33 1.56
CA ALA C 144 -18.01 18.28 0.23
C ALA C 144 -17.02 17.67 -0.75
N LEU C 145 -15.75 18.04 -0.60
CA LEU C 145 -14.70 17.52 -1.49
C LEU C 145 -14.52 16.01 -1.33
N GLN C 146 -14.66 15.49 -0.12
CA GLN C 146 -14.60 14.04 0.07
C GLN C 146 -15.75 13.32 -0.64
N THR C 147 -16.96 13.90 -0.62
CA THR C 147 -18.07 13.26 -1.32
C THR C 147 -17.77 13.19 -2.83
N TYR C 148 -17.12 14.23 -3.33
CA TYR C 148 -16.74 14.29 -4.74
C TYR C 148 -15.70 13.21 -5.07
N ALA C 149 -14.69 13.09 -4.22
CA ALA C 149 -13.61 12.13 -4.46
C ALA C 149 -14.11 10.69 -4.40
N ARG C 150 -15.19 10.47 -3.66
CA ARG C 150 -15.84 9.17 -3.57
C ARG C 150 -16.90 8.96 -4.65
N ASN C 151 -17.07 9.93 -5.54
CA ASN C 151 -17.97 9.81 -6.70
C ASN C 151 -19.41 9.54 -6.29
N GLN C 152 -19.85 10.19 -5.21
CA GLN C 152 -21.22 10.06 -4.72
C GLN C 152 -22.17 10.86 -5.61
N THR C 153 -23.11 10.18 -6.24
CA THR C 153 -24.00 10.81 -7.22
C THR C 153 -25.43 11.02 -6.69
N GLU C 154 -25.65 10.69 -5.43
CA GLU C 154 -26.91 11.00 -4.78
C GLU C 154 -26.60 11.83 -3.54
N GLY C 155 -27.58 12.59 -3.08
CA GLY C 155 -27.43 13.32 -1.84
C GLY C 155 -27.37 14.82 -2.02
N ALA C 156 -27.11 15.50 -0.90
CA ALA C 156 -27.21 16.96 -0.83
C ALA C 156 -25.98 17.68 -1.37
N TYR C 157 -24.90 16.94 -1.62
CA TYR C 157 -23.71 17.49 -2.22
C TYR C 157 -23.63 16.97 -3.64
N ILE C 158 -23.68 17.90 -4.58
CA ILE C 158 -23.91 17.57 -5.99
C ILE C 158 -22.58 17.41 -6.74
N TRP C 159 -22.31 16.17 -7.16
CA TRP C 159 -21.04 15.86 -7.81
C TRP C 159 -20.77 16.80 -8.99
N GLY C 160 -21.75 16.95 -9.89
CA GLY C 160 -21.59 17.85 -11.04
C GLY C 160 -21.34 19.32 -10.72
N ASP C 161 -21.90 19.82 -9.62
CA ASP C 161 -21.65 21.19 -9.22
C ASP C 161 -20.21 21.32 -8.78
N ILE C 162 -19.78 20.40 -7.92
CA ILE C 162 -18.41 20.41 -7.43
C ILE C 162 -17.40 20.30 -8.59
N ASP C 163 -17.71 19.41 -9.52
CA ASP C 163 -16.87 19.24 -10.73
C ASP C 163 -16.69 20.58 -11.42
N ALA C 164 -17.77 21.34 -11.53
CA ALA C 164 -17.72 22.63 -12.19
C ALA C 164 -16.96 23.68 -11.39
N TRP C 165 -17.00 23.64 -10.06
CA TRP C 165 -16.22 24.60 -9.28
C TRP C 165 -14.74 24.38 -9.54
N ILE C 166 -14.36 23.13 -9.68
CA ILE C 166 -12.95 22.79 -9.88
C ILE C 166 -12.54 23.14 -11.30
N LYS C 167 -13.34 22.72 -12.27
CA LYS C 167 -13.07 23.04 -13.67
C LYS C 167 -13.01 24.54 -13.90
N ASN C 168 -13.83 25.31 -13.20
CA ASN C 168 -13.84 26.76 -13.38
C ASN C 168 -12.85 27.54 -12.55
N ASN C 169 -11.98 26.82 -11.84
CA ASN C 169 -10.89 27.42 -11.07
C ASN C 169 -11.32 28.59 -10.19
N LEU C 170 -12.28 28.34 -9.31
CA LEU C 170 -12.74 29.37 -8.40
C LEU C 170 -11.67 29.73 -7.37
N ASN C 171 -11.77 30.94 -6.83
CA ASN C 171 -10.84 31.43 -5.82
C ASN C 171 -11.46 31.24 -4.44
N TRP C 172 -10.94 30.32 -3.66
CA TRP C 172 -11.55 30.01 -2.37
C TRP C 172 -10.83 30.68 -1.19
N ARG C 173 -11.63 31.14 -0.24
CA ARG C 173 -11.12 31.53 1.05
C ARG C 173 -11.85 30.68 2.09
N THR C 174 -11.11 29.84 2.81
CA THR C 174 -11.75 29.02 3.83
C THR C 174 -11.71 29.73 5.18
N ILE C 175 -12.86 29.80 5.84
CA ILE C 175 -12.95 30.31 7.18
C ILE C 175 -12.52 29.18 8.12
N LYS C 176 -11.58 29.46 9.02
CA LYS C 176 -11.07 28.42 9.91
C LYS C 176 -12.06 28.13 11.02
N ARG C 177 -12.00 26.90 11.49
CA ARG C 177 -12.85 26.36 12.56
C ARG C 177 -13.01 27.33 13.75
N ASP C 178 -11.93 28.01 14.11
N ASP C 178 -11.93 28.01 14.11
CA ASP C 178 -11.91 28.86 15.31
CA ASP C 178 -11.91 28.86 15.31
C ASP C 178 -11.98 30.35 14.98
C ASP C 178 -11.97 30.34 14.98
N GLU C 179 -12.26 30.66 13.71
CA GLU C 179 -12.28 32.02 13.23
C GLU C 179 -13.73 32.53 13.20
N ASP C 180 -13.99 33.73 13.71
CA ASP C 180 -15.35 34.23 13.83
C ASP C 180 -15.38 35.75 13.72
N ASN C 181 -16.58 36.29 13.51
CA ASN C 181 -16.81 37.73 13.45
C ASN C 181 -15.85 38.40 12.46
N ILE C 182 -15.87 37.90 11.22
CA ILE C 182 -14.94 38.32 10.20
C ILE C 182 -15.54 39.49 9.44
N VAL C 183 -14.96 40.67 9.62
CA VAL C 183 -15.45 41.87 8.96
C VAL C 183 -15.03 41.88 7.51
N LEU C 184 -16.01 41.95 6.63
CA LEU C 184 -15.78 41.89 5.19
C LEU C 184 -15.76 43.30 4.59
N ALA C 185 -16.47 44.21 5.26
CA ALA C 185 -16.67 45.58 4.82
C ALA C 185 -17.37 46.30 5.97
N GLU C 186 -17.47 47.61 5.90
CA GLU C 186 -18.17 48.34 6.94
C GLU C 186 -19.60 47.80 7.11
N GLY C 187 -19.91 47.32 8.32
CA GLY C 187 -21.24 46.82 8.63
C GLY C 187 -21.62 45.47 8.02
N ILE C 188 -20.62 44.71 7.56
CA ILE C 188 -20.86 43.36 7.02
C ILE C 188 -19.86 42.41 7.68
N LYS C 189 -20.38 41.47 8.46
CA LYS C 189 -19.54 40.59 9.26
C LYS C 189 -19.97 39.13 9.10
N ILE C 190 -19.02 38.25 8.79
CA ILE C 190 -19.32 36.82 8.71
C ILE C 190 -19.38 36.25 10.12
N LEU C 191 -20.45 35.47 10.35
CA LEU C 191 -20.68 34.75 11.61
C LEU C 191 -20.39 33.28 11.40
N ASN C 192 -19.46 32.75 12.17
CA ASN C 192 -19.11 31.34 12.07
C ASN C 192 -19.93 30.53 13.08
N PHE C 193 -20.93 29.81 12.60
CA PHE C 193 -21.77 28.99 13.47
C PHE C 193 -21.18 27.59 13.68
N GLY C 194 -20.23 27.20 12.83
CA GLY C 194 -19.61 25.88 12.97
C GLY C 194 -20.52 24.72 12.61
N SER C 195 -20.26 23.55 13.22
CA SER C 195 -20.98 22.34 12.87
C SER C 195 -22.39 22.34 13.50
N GLY C 196 -23.33 21.78 12.76
CA GLY C 196 -24.72 21.72 13.16
C GLY C 196 -25.55 21.08 12.09
N HIS C 197 -26.29 21.91 11.35
CA HIS C 197 -27.00 21.43 10.17
C HIS C 197 -26.08 20.68 9.19
N ALA C 198 -24.89 21.22 8.99
CA ALA C 198 -23.88 20.61 8.14
C ALA C 198 -22.52 20.70 8.84
N TRP C 199 -21.45 20.38 8.12
CA TRP C 199 -20.13 20.37 8.73
C TRP C 199 -19.66 21.72 9.20
N GLY C 200 -20.03 22.77 8.47
CA GLY C 200 -19.59 24.11 8.82
C GLY C 200 -20.51 25.15 8.23
N MET C 201 -21.22 25.86 9.09
CA MET C 201 -22.20 26.84 8.68
C MET C 201 -21.69 28.26 8.87
N LEU C 202 -21.87 29.08 7.84
CA LEU C 202 -21.62 30.50 7.93
C LEU C 202 -22.90 31.30 7.79
N GLY C 203 -22.99 32.36 8.59
CA GLY C 203 -24.06 33.36 8.46
C GLY C 203 -23.45 34.72 8.20
N LEU C 204 -24.31 35.74 8.07
CA LEU C 204 -23.85 37.10 7.83
C LEU C 204 -24.64 38.05 8.71
N HIS C 205 -23.96 39.00 9.33
CA HIS C 205 -24.60 40.12 9.98
C HIS C 205 -24.45 41.34 9.08
N VAL C 206 -25.57 41.96 8.74
CA VAL C 206 -25.58 43.14 7.87
C VAL C 206 -26.17 44.28 8.68
N GLN C 207 -25.44 45.39 8.76
CA GLN C 207 -25.95 46.61 9.39
C GLN C 207 -26.29 47.62 8.30
N LEU C 208 -27.58 47.82 8.06
CA LEU C 208 -28.03 48.82 7.10
C LEU C 208 -28.38 50.12 7.82
N PRO C 209 -28.02 51.27 7.22
CA PRO C 209 -28.32 52.59 7.79
C PRO C 209 -29.76 52.79 8.27
N GLU C 210 -30.73 52.40 7.45
N GLU C 210 -30.73 52.42 7.43
CA GLU C 210 -32.14 52.65 7.76
CA GLU C 210 -32.15 52.64 7.75
C GLU C 210 -32.83 51.44 8.38
C GLU C 210 -32.75 51.42 8.43
N LYS C 211 -32.60 50.26 7.82
CA LYS C 211 -33.28 49.05 8.28
C LYS C 211 -32.70 48.49 9.57
N GLY C 212 -31.45 48.83 9.88
CA GLY C 212 -30.79 48.31 11.07
C GLY C 212 -30.21 46.92 10.79
N GLY C 213 -30.16 46.10 11.83
CA GLY C 213 -29.41 44.83 11.79
C GLY C 213 -30.19 43.66 11.20
N ILE C 214 -29.53 42.90 10.34
CA ILE C 214 -30.11 41.69 9.75
C ILE C 214 -29.13 40.55 9.92
N ILE C 215 -29.62 39.40 10.38
CA ILE C 215 -28.79 38.19 10.46
C ILE C 215 -29.30 37.21 9.43
N LEU C 216 -28.44 36.86 8.49
CA LEU C 216 -28.78 35.85 7.50
C LEU C 216 -28.31 34.51 8.09
N ALA C 217 -29.25 33.67 8.48
CA ALA C 217 -28.94 32.42 9.18
C ALA C 217 -28.79 31.22 8.25
N SER C 218 -29.36 31.35 7.05
CA SER C 218 -29.49 30.22 6.13
C SER C 218 -30.02 29.02 6.90
N ASP C 219 -29.46 27.84 6.65
CA ASP C 219 -30.01 26.61 7.20
C ASP C 219 -29.60 26.33 8.64
N ALA C 220 -28.89 27.25 9.29
CA ALA C 220 -28.72 27.16 10.75
C ALA C 220 -30.10 27.26 11.42
N VAL C 221 -31.04 27.93 10.76
CA VAL C 221 -32.42 27.98 11.24
C VAL C 221 -33.37 27.95 10.04
N TYR C 222 -34.02 26.83 9.80
CA TYR C 222 -34.83 26.68 8.59
C TYR C 222 -36.01 27.64 8.58
N SER C 223 -36.65 27.76 9.73
CA SER C 223 -37.94 28.45 9.82
C SER C 223 -38.21 28.96 11.22
N ALA C 224 -39.24 29.79 11.32
CA ALA C 224 -39.72 30.29 12.61
C ALA C 224 -40.12 29.15 13.54
N GLU C 225 -40.70 28.08 12.99
CA GLU C 225 -41.03 26.91 13.79
C GLU C 225 -39.77 26.22 14.34
N SER C 226 -38.70 26.19 13.56
CA SER C 226 -37.42 25.66 14.04
C SER C 226 -36.89 26.49 15.21
N TYR C 227 -36.97 27.80 15.04
CA TYR C 227 -36.37 28.79 15.93
C TYR C 227 -37.04 28.83 17.29
N GLY C 228 -38.35 28.69 17.29
CA GLY C 228 -39.14 28.58 18.53
C GLY C 228 -39.13 29.88 19.32
N PRO C 229 -39.13 29.78 20.66
CA PRO C 229 -39.04 28.51 21.38
C PRO C 229 -40.35 27.75 21.34
N PRO C 230 -40.31 26.43 21.58
CA PRO C 230 -39.08 25.69 21.81
C PRO C 230 -38.35 25.39 20.49
N ILE C 231 -37.04 25.20 20.55
CA ILE C 231 -36.26 24.90 19.35
C ILE C 231 -36.68 23.53 18.84
N LYS C 232 -36.91 23.43 17.53
CA LYS C 232 -37.30 22.14 16.93
C LYS C 232 -36.31 21.77 15.84
N PRO C 233 -35.49 20.73 16.08
CA PRO C 233 -34.42 20.43 15.16
C PRO C 233 -34.94 19.75 13.90
N PRO C 234 -34.16 19.79 12.81
CA PRO C 234 -34.53 19.18 11.55
C PRO C 234 -34.34 17.67 11.56
N GLY C 235 -35.00 16.99 10.63
CA GLY C 235 -34.74 15.57 10.41
C GLY C 235 -33.39 15.49 9.75
N ILE C 236 -32.67 14.41 10.03
CA ILE C 236 -31.28 14.31 9.64
C ILE C 236 -30.56 15.61 9.98
N ILE C 237 -29.53 15.47 10.79
CA ILE C 237 -28.81 16.60 11.31
C ILE C 237 -27.40 16.10 11.47
N TYR C 238 -26.39 16.86 11.05
CA TYR C 238 -25.02 16.40 11.24
C TYR C 238 -24.67 16.33 12.73
N ASP C 239 -24.75 17.46 13.40
CA ASP C 239 -24.27 17.65 14.77
C ASP C 239 -25.42 18.27 15.57
N SER C 240 -26.21 17.44 16.22
CA SER C 240 -27.38 17.93 16.95
C SER C 240 -27.05 18.91 18.07
N LEU C 241 -26.00 18.64 18.84
CA LEU C 241 -25.58 19.57 19.88
C LEU C 241 -25.14 20.92 19.31
N GLY C 242 -24.38 20.86 18.23
CA GLY C 242 -23.95 22.09 17.55
C GLY C 242 -25.11 22.86 17.00
N PHE C 243 -26.10 22.14 16.46
CA PHE C 243 -27.29 22.80 15.93
C PHE C 243 -27.97 23.65 16.98
N VAL C 244 -28.19 23.08 18.16
CA VAL C 244 -28.83 23.81 19.25
C VAL C 244 -27.95 24.97 19.72
N ARG C 245 -26.64 24.75 19.84
CA ARG C 245 -25.73 25.80 20.27
C ARG C 245 -25.76 26.97 19.29
N SER C 246 -25.89 26.65 18.00
CA SER C 246 -25.91 27.68 16.95
C SER C 246 -27.19 28.49 16.99
N VAL C 247 -28.32 27.84 17.25
CA VAL C 247 -29.56 28.59 17.34
C VAL C 247 -29.49 29.52 18.55
N GLU C 248 -28.93 29.01 19.66
CA GLU C 248 -28.76 29.85 20.86
C GLU C 248 -27.85 31.05 20.60
N LYS C 249 -26.78 30.83 19.86
CA LYS C 249 -25.86 31.88 19.48
C LYS C 249 -26.56 32.95 18.63
N ILE C 250 -27.36 32.51 17.67
CA ILE C 250 -28.11 33.44 16.84
C ILE C 250 -29.08 34.27 17.68
N LYS C 251 -29.74 33.63 18.64
CA LYS C 251 -30.69 34.34 19.49
C LYS C 251 -29.94 35.38 20.32
N ARG C 252 -28.76 35.03 20.80
CA ARG C 252 -27.94 35.94 21.61
C ARG C 252 -27.50 37.15 20.80
N ILE C 253 -26.95 36.92 19.61
CA ILE C 253 -26.51 38.01 18.77
C ILE C 253 -27.71 38.88 18.35
N ALA C 254 -28.84 38.27 18.07
CA ALA C 254 -30.00 39.01 17.59
C ALA C 254 -30.45 39.98 18.67
N LYS C 255 -30.46 39.51 19.91
CA LYS C 255 -30.88 40.33 21.05
C LYS C 255 -29.85 41.41 21.35
N GLU C 256 -28.57 41.07 21.34
CA GLU C 256 -27.52 42.03 21.67
C GLU C 256 -27.35 43.11 20.61
N THR C 257 -27.67 42.80 19.36
CA THR C 257 -27.50 43.77 18.27
C THR C 257 -28.84 44.33 17.77
N ASN C 258 -29.94 43.89 18.37
CA ASN C 258 -31.29 44.26 17.92
C ASN C 258 -31.46 43.99 16.42
N SER C 259 -31.11 42.77 16.00
CA SER C 259 -31.20 42.40 14.59
C SER C 259 -32.38 41.47 14.33
N GLU C 260 -32.87 41.51 13.12
CA GLU C 260 -33.89 40.61 12.67
C GLU C 260 -33.19 39.35 12.11
N VAL C 261 -33.76 38.18 12.34
CA VAL C 261 -33.18 36.95 11.83
C VAL C 261 -33.93 36.46 10.59
N TRP C 262 -33.22 36.37 9.48
CA TRP C 262 -33.80 35.87 8.24
C TRP C 262 -33.46 34.40 8.10
N PHE C 263 -34.50 33.58 8.08
CA PHE C 263 -34.38 32.13 8.07
C PHE C 263 -34.03 31.59 6.69
N GLY C 264 -33.55 30.36 6.65
CA GLY C 264 -33.17 29.75 5.37
C GLY C 264 -34.32 29.52 4.41
N HIS C 265 -35.45 29.02 4.92
CA HIS C 265 -36.50 28.50 4.05
C HIS C 265 -37.88 28.67 4.70
N ASP C 266 -38.21 29.88 5.12
CA ASP C 266 -39.50 30.11 5.79
C ASP C 266 -40.48 30.77 4.83
N SER C 267 -41.52 30.03 4.45
CA SER C 267 -42.46 30.49 3.43
C SER C 267 -43.13 31.78 3.83
N GLU C 268 -43.57 31.86 5.08
CA GLU C 268 -44.32 33.03 5.56
C GLU C 268 -43.44 34.25 5.63
N GLN C 269 -42.23 34.10 6.16
CA GLN C 269 -41.30 35.23 6.20
C GLN C 269 -40.92 35.70 4.81
N PHE C 270 -40.68 34.76 3.92
CA PHE C 270 -40.19 35.09 2.60
C PHE C 270 -41.24 35.92 1.86
N LYS C 271 -42.49 35.61 2.08
CA LYS C 271 -43.59 36.36 1.48
C LYS C 271 -43.54 37.83 1.86
N ARG C 272 -43.10 38.13 3.07
CA ARG C 272 -43.03 39.52 3.55
C ARG C 272 -41.84 40.31 3.00
N PHE C 273 -40.79 39.64 2.54
CA PHE C 273 -39.63 40.37 2.05
C PHE C 273 -39.99 41.20 0.82
N ARG C 274 -39.36 42.35 0.71
CA ARG C 274 -39.35 43.12 -0.53
C ARG C 274 -38.42 42.39 -1.50
N LYS C 275 -38.94 41.94 -2.63
CA LYS C 275 -38.13 41.21 -3.62
C LYS C 275 -37.42 42.13 -4.58
N SER C 276 -36.38 41.59 -5.23
CA SER C 276 -35.51 42.37 -6.10
C SER C 276 -36.27 42.99 -7.28
N THR C 277 -37.41 42.43 -7.61
CA THR C 277 -38.23 42.93 -8.71
C THR C 277 -39.06 44.15 -8.29
N GLU C 278 -39.15 44.40 -6.99
CA GLU C 278 -39.92 45.54 -6.48
C GLU C 278 -39.03 46.65 -5.90
N GLY C 279 -37.88 46.28 -5.38
CA GLY C 279 -37.01 47.26 -4.74
C GLY C 279 -35.96 46.58 -3.91
N TYR C 280 -35.44 47.31 -2.92
CA TYR C 280 -34.32 46.87 -2.11
C TYR C 280 -34.45 47.42 -0.72
N TYR C 281 -33.60 46.96 0.18
CA TYR C 281 -33.50 47.48 1.54
C TYR C 281 -32.33 48.42 1.62
N GLU C 282 -32.44 49.37 2.54
CA GLU C 282 -31.41 50.39 2.77
C GLU C 282 -31.08 50.55 4.26
C1 GOL D . 26.38 -18.27 -3.68
O1 GOL D . 27.47 -17.79 -4.46
C2 GOL D . 26.77 -18.02 -2.24
O2 GOL D . 25.58 -17.71 -1.53
C3 GOL D . 27.49 -19.27 -1.75
O3 GOL D . 28.84 -19.27 -2.22
CO CO E . 24.64 -37.34 -0.64
CO CO F . 25.64 -40.04 -2.66
C1 EDO G . 33.74 -22.91 -6.10
O1 EDO G . 32.64 -23.27 -5.26
C2 EDO G . 33.24 -22.02 -7.23
O2 EDO G . 33.61 -22.56 -8.50
P PO4 H . 25.51 -39.76 0.02
O1 PO4 H . 25.89 -38.41 0.60
O2 PO4 H . 24.36 -39.57 -1.00
O3 PO4 H . 26.69 -40.38 -0.71
O4 PO4 H . 25.10 -40.67 1.17
C1 GOL I . 17.39 -3.37 8.81
O1 GOL I . 18.63 -2.87 9.31
C2 GOL I . 17.51 -4.89 8.73
O2 GOL I . 16.33 -5.48 9.30
C3 GOL I . 17.70 -5.37 7.29
O3 GOL I . 17.32 -6.74 7.14
CO CO J . 8.70 10.89 1.39
CO CO K . 6.45 13.22 2.85
C1 EDO L . -12.15 13.51 -12.08
O1 EDO L . -11.24 12.75 -12.88
C2 EDO L . -13.52 13.58 -12.72
O2 EDO L . -13.99 12.24 -12.98
C1 EDO M . -3.56 10.24 16.62
O1 EDO M . -4.55 9.46 17.34
C2 EDO M . -2.54 10.83 17.58
O2 EDO M . -2.36 12.24 17.33
P PO4 N . 8.50 13.57 1.09
O1 PO4 N . 8.26 14.44 2.29
O2 PO4 N . 7.32 12.65 0.94
O3 PO4 N . 9.76 12.74 1.27
O4 PO4 N . 8.69 14.47 -0.13
CO CO O . -31.26 24.80 2.29
CO CO P . -28.85 22.84 3.93
C1 EDO Q . -38.68 40.90 7.01
O1 EDO Q . -39.70 40.37 7.86
C2 EDO Q . -38.71 42.43 6.99
O2 EDO Q . -39.29 42.90 5.74
P PO4 R . -31.12 22.16 2.56
O1 PO4 R . -32.21 23.19 2.75
O2 PO4 R . -30.66 21.55 3.88
O3 PO4 R . -29.98 22.99 2.00
O4 PO4 R . -31.55 21.08 1.58
#